data_6RGK
#
_entry.id   6RGK
#
_cell.length_a   114.780
_cell.length_b   116.480
_cell.length_c   68.610
_cell.angle_alpha   90.00
_cell.angle_beta   108.32
_cell.angle_gamma   90.00
#
_symmetry.space_group_name_H-M   'C 1 2 1'
#
loop_
_entity.id
_entity.type
_entity.pdbx_description
1 polymer Phosphodiesterase
2 non-polymer 'ZINC ION'
3 non-polymer 'MAGNESIUM ION'
4 non-polymer 'FORMIC ACID'
5 non-polymer GLYCEROL
6 non-polymer GUANIDINE
7 non-polymer 3-[5-[(4~{a}~{R},8~{a}~{S})-3-cycloheptyl-4-oxidanylidene-4~{a},5,6,7,8,8~{a}-hexahydrophthalazin-1-yl]-2-methoxy-phenyl]-~{N}-butyl-prop-2-ynamide
8 water water
#
_entity_poly.entity_id   1
_entity_poly.type   'polypeptide(L)'
_entity_poly.pdbx_seq_one_letter_code
;GSHMASELNEHRATLFNKNVPSRAVKRVTAITKVEREAVLVCELPSFDVTDVEFDLFRARESTDKPLDVAAAIAYRLLLG
SGLPQKFGCSDEVLLNFILQCRKKYRNVPYHNFYHVVDVCQTIHTFLYRGNVYEKLTELECFVLLITALVHDLDHMGLNN
SFYLKTESPLGILSSASGNTSVLEVHHCNLAVEILSDPESDVFDGLEGAERTLAFRSMIDCVLATDMAKHGSALEAFLAS
AADQSSDEAAFHRMTMEIILKAGDISNVTKPFDISRQWAMAVTEEFYRQGDMEKERGVEVLPMFDRSKNMELAKGQIGFI
DFVAAPFFQKIVDACLQGMQWTVDRIKSNRAQWERVLETR
;
_entity_poly.pdbx_strand_id   A,B
#
# COMPACT_ATOMS: atom_id res chain seq x y z
N VAL A 28 -33.63 -29.61 -0.12
CA VAL A 28 -33.06 -28.56 0.79
C VAL A 28 -33.74 -28.67 2.16
N THR A 29 -33.05 -29.24 3.15
CA THR A 29 -33.51 -29.35 4.56
C THR A 29 -33.51 -27.96 5.19
N ALA A 30 -34.49 -27.68 6.05
CA ALA A 30 -34.57 -26.35 6.69
C ALA A 30 -33.40 -26.12 7.64
N ILE A 31 -33.07 -24.86 7.85
CA ILE A 31 -31.93 -24.51 8.73
C ILE A 31 -32.40 -24.71 10.19
N THR A 32 -31.50 -25.20 11.06
CA THR A 32 -31.76 -25.49 12.49
C THR A 32 -31.45 -24.23 13.32
N LYS A 33 -32.22 -24.01 14.40
CA LYS A 33 -31.96 -23.03 15.48
C LYS A 33 -30.49 -23.12 15.93
N VAL A 34 -29.93 -24.33 15.98
CA VAL A 34 -28.52 -24.60 16.44
C VAL A 34 -27.54 -23.95 15.47
N GLU A 35 -27.77 -24.16 14.16
CA GLU A 35 -26.96 -23.59 13.05
C GLU A 35 -26.97 -22.06 13.15
N ARG A 36 -28.16 -21.43 13.18
CA ARG A 36 -28.30 -19.95 13.33
C ARG A 36 -27.53 -19.47 14.58
N GLU A 37 -27.66 -20.19 15.70
CA GLU A 37 -27.00 -19.84 17.00
C GLU A 37 -25.48 -19.82 16.78
N ALA A 38 -24.96 -20.87 16.11
CA ALA A 38 -23.53 -21.03 15.76
C ALA A 38 -23.00 -19.76 15.08
N VAL A 39 -23.83 -19.05 14.30
CA VAL A 39 -23.42 -17.81 13.58
C VAL A 39 -23.54 -16.61 14.52
N LEU A 40 -24.74 -16.41 15.06
CA LEU A 40 -25.12 -15.25 15.91
C LEU A 40 -24.13 -15.01 17.05
N VAL A 41 -23.45 -16.06 17.51
CA VAL A 41 -22.51 -15.92 18.66
C VAL A 41 -21.27 -15.13 18.24
N CYS A 42 -20.89 -15.18 16.97
CA CYS A 42 -19.67 -14.48 16.51
C CYS A 42 -19.84 -12.98 16.72
N GLU A 43 -18.80 -12.29 17.20
CA GLU A 43 -18.92 -10.84 17.49
C GLU A 43 -17.92 -10.03 16.68
N LEU A 44 -16.98 -10.71 16.01
CA LEU A 44 -15.97 -10.02 15.16
C LEU A 44 -15.32 -8.86 15.92
N PRO A 45 -14.61 -9.10 17.04
CA PRO A 45 -13.97 -8.02 17.78
C PRO A 45 -13.06 -7.23 16.81
N SER A 46 -13.04 -5.90 16.96
CA SER A 46 -12.22 -4.95 16.16
C SER A 46 -12.61 -4.89 14.68
N PHE A 47 -12.76 -6.04 14.00
CA PHE A 47 -13.08 -5.98 12.54
C PHE A 47 -14.11 -4.88 12.27
N ASP A 48 -13.86 -4.06 11.23
CA ASP A 48 -14.90 -3.21 10.58
C ASP A 48 -15.18 -3.72 9.17
N VAL A 49 -16.30 -4.44 9.00
CA VAL A 49 -16.69 -5.15 7.74
C VAL A 49 -16.99 -4.14 6.64
N THR A 50 -17.15 -2.86 6.94
CA THR A 50 -17.58 -1.86 5.94
C THR A 50 -16.36 -1.17 5.31
N ASP A 51 -15.19 -1.45 5.86
CA ASP A 51 -13.90 -0.81 5.47
C ASP A 51 -13.29 -1.44 4.23
N VAL A 52 -12.60 -0.64 3.42
CA VAL A 52 -11.93 -1.12 2.17
C VAL A 52 -10.66 -1.90 2.51
N GLU A 53 -10.13 -1.70 3.72
CA GLU A 53 -8.92 -2.38 4.23
C GLU A 53 -9.32 -3.61 5.02
N PHE A 54 -10.60 -3.99 5.00
CA PHE A 54 -11.05 -5.20 5.74
C PHE A 54 -10.30 -6.44 5.24
N ASP A 55 -10.04 -7.39 6.14
CA ASP A 55 -9.16 -8.54 5.81
C ASP A 55 -9.87 -9.82 6.24
N LEU A 56 -10.38 -10.57 5.26
CA LEU A 56 -11.16 -11.81 5.49
C LEU A 56 -10.22 -12.95 5.92
N PHE A 57 -8.95 -12.89 5.55
CA PHE A 57 -7.94 -13.91 5.96
C PHE A 57 -7.70 -13.81 7.49
N ARG A 58 -7.38 -12.60 8.01
CA ARG A 58 -7.21 -12.30 9.45
C ARG A 58 -8.47 -12.76 10.20
N ALA A 59 -9.67 -12.49 9.63
CA ALA A 59 -10.98 -12.90 10.18
C ALA A 59 -11.08 -14.43 10.25
N ARG A 60 -10.69 -15.14 9.20
CA ARG A 60 -10.86 -16.62 9.15
C ARG A 60 -10.01 -17.27 10.25
N GLU A 61 -8.78 -16.80 10.45
CA GLU A 61 -7.86 -17.32 11.51
C GLU A 61 -8.35 -16.96 12.92
N SER A 62 -8.82 -15.73 13.12
CA SER A 62 -9.15 -15.17 14.45
C SER A 62 -9.87 -16.21 15.32
N THR A 63 -10.60 -17.15 14.70
CA THR A 63 -11.29 -18.28 15.39
C THR A 63 -10.85 -19.59 14.75
N ASP A 64 -11.47 -20.70 15.14
CA ASP A 64 -11.27 -22.04 14.53
C ASP A 64 -12.60 -22.50 13.93
N LYS A 65 -13.61 -21.62 13.91
CA LYS A 65 -14.91 -21.78 13.20
C LYS A 65 -14.95 -20.81 12.03
N PRO A 66 -14.03 -20.93 11.05
CA PRO A 66 -13.86 -19.90 10.02
C PRO A 66 -15.10 -19.74 9.12
N LEU A 67 -15.97 -20.75 9.07
CA LEU A 67 -17.24 -20.72 8.30
C LEU A 67 -18.30 -19.87 9.03
N ASP A 68 -18.49 -20.06 10.34
CA ASP A 68 -19.48 -19.29 11.13
C ASP A 68 -19.13 -17.80 11.08
N VAL A 69 -17.85 -17.48 11.16
CA VAL A 69 -17.33 -16.09 11.04
C VAL A 69 -17.80 -15.51 9.70
N ALA A 70 -17.45 -16.15 8.57
CA ALA A 70 -17.83 -15.76 7.20
C ALA A 70 -19.34 -15.47 7.13
N ALA A 71 -20.17 -16.38 7.63
CA ALA A 71 -21.64 -16.22 7.68
C ALA A 71 -22.02 -14.95 8.42
N ALA A 72 -21.29 -14.64 9.50
CA ALA A 72 -21.62 -13.54 10.42
C ALA A 72 -21.20 -12.22 9.76
N ILE A 73 -20.10 -12.23 9.02
CA ILE A 73 -19.68 -11.03 8.22
C ILE A 73 -20.81 -10.69 7.24
N ALA A 74 -21.30 -11.71 6.53
CA ALA A 74 -22.35 -11.59 5.50
C ALA A 74 -23.63 -11.04 6.14
N TYR A 75 -24.08 -11.69 7.23
CA TYR A 75 -25.24 -11.28 8.07
C TYR A 75 -25.11 -9.81 8.49
N ARG A 76 -23.95 -9.45 9.03
CA ARG A 76 -23.72 -8.10 9.58
C ARG A 76 -23.82 -7.09 8.44
N LEU A 77 -23.12 -7.35 7.32
CA LEU A 77 -23.12 -6.50 6.11
C LEU A 77 -24.58 -6.25 5.67
N LEU A 78 -25.39 -7.32 5.59
CA LEU A 78 -26.77 -7.21 5.02
C LEU A 78 -27.65 -6.38 5.96
N LEU A 79 -27.60 -6.62 7.26
CA LEU A 79 -28.39 -5.85 8.26
C LEU A 79 -27.96 -4.38 8.31
N GLY A 80 -26.66 -4.12 8.41
CA GLY A 80 -26.11 -2.75 8.53
C GLY A 80 -26.43 -1.86 7.34
N SER A 81 -26.66 -2.46 6.17
CA SER A 81 -27.14 -1.76 4.94
C SER A 81 -28.54 -1.18 5.20
N GLY A 82 -29.29 -1.82 6.11
CA GLY A 82 -30.69 -1.49 6.43
C GLY A 82 -31.65 -1.88 5.31
N LEU A 83 -31.19 -2.68 4.33
CA LEU A 83 -32.02 -3.05 3.14
C LEU A 83 -32.97 -4.20 3.47
N PRO A 84 -32.51 -5.33 4.08
CA PRO A 84 -33.40 -6.48 4.26
C PRO A 84 -34.71 -6.10 4.98
N GLN A 85 -34.62 -5.22 5.97
CA GLN A 85 -35.76 -4.69 6.77
C GLN A 85 -36.75 -3.97 5.84
N LYS A 86 -36.25 -3.06 5.00
CA LYS A 86 -37.09 -2.25 4.10
C LYS A 86 -37.86 -3.18 3.14
N PHE A 87 -37.41 -4.41 2.88
CA PHE A 87 -38.06 -5.30 1.88
C PHE A 87 -38.74 -6.49 2.55
N GLY A 88 -39.10 -6.35 3.83
CA GLY A 88 -39.88 -7.36 4.56
C GLY A 88 -39.13 -8.69 4.60
N CYS A 89 -37.82 -8.64 4.77
CA CYS A 89 -36.99 -9.84 5.00
C CYS A 89 -36.55 -9.83 6.47
N SER A 90 -37.17 -10.69 7.26
CA SER A 90 -36.85 -10.96 8.69
C SER A 90 -35.35 -11.27 8.80
N ASP A 91 -34.78 -11.01 9.99
CA ASP A 91 -33.41 -11.42 10.38
C ASP A 91 -33.25 -12.93 10.25
N GLU A 92 -34.31 -13.68 10.54
CA GLU A 92 -34.29 -15.17 10.54
C GLU A 92 -34.19 -15.69 9.09
N VAL A 93 -35.06 -15.21 8.20
CA VAL A 93 -35.08 -15.61 6.76
C VAL A 93 -33.71 -15.27 6.17
N LEU A 94 -33.16 -14.10 6.51
CA LEU A 94 -31.85 -13.61 5.99
C LEU A 94 -30.74 -14.57 6.37
N LEU A 95 -30.76 -15.07 7.59
CA LEU A 95 -29.70 -15.99 8.10
C LEU A 95 -29.91 -17.37 7.49
N ASN A 96 -31.15 -17.81 7.33
CA ASN A 96 -31.45 -19.12 6.68
C ASN A 96 -30.83 -19.10 5.26
N PHE A 97 -31.15 -18.05 4.50
CA PHE A 97 -30.62 -17.82 3.14
C PHE A 97 -29.10 -17.96 3.15
N ILE A 98 -28.42 -17.19 4.00
CA ILE A 98 -26.92 -17.19 4.05
C ILE A 98 -26.45 -18.64 4.24
N LEU A 99 -27.11 -19.41 5.09
CA LEU A 99 -26.66 -20.78 5.48
C LEU A 99 -27.05 -21.81 4.42
N GLN A 100 -28.15 -21.56 3.71
CA GLN A 100 -28.54 -22.41 2.57
C GLN A 100 -27.51 -22.20 1.47
N CYS A 101 -27.03 -20.96 1.28
CA CYS A 101 -25.95 -20.65 0.30
C CYS A 101 -24.65 -21.35 0.70
N ARG A 102 -24.24 -21.21 1.98
CA ARG A 102 -22.94 -21.74 2.52
C ARG A 102 -22.85 -23.26 2.30
N LYS A 103 -23.95 -23.98 2.53
CA LYS A 103 -24.01 -25.47 2.39
C LYS A 103 -23.62 -25.88 0.96
N LYS A 104 -23.93 -25.05 -0.03
CA LYS A 104 -23.80 -25.45 -1.44
C LYS A 104 -22.44 -25.03 -1.99
N TYR A 105 -21.54 -24.46 -1.18
CA TYR A 105 -20.15 -24.17 -1.64
C TYR A 105 -19.27 -25.33 -1.19
N ARG A 106 -18.14 -25.49 -1.87
CA ARG A 106 -17.27 -26.66 -1.73
C ARG A 106 -15.91 -26.26 -1.18
N ASN A 107 -15.16 -27.29 -0.83
CA ASN A 107 -13.80 -27.19 -0.25
C ASN A 107 -12.80 -27.18 -1.41
N VAL A 108 -12.83 -26.13 -2.23
CA VAL A 108 -11.82 -25.85 -3.30
C VAL A 108 -10.95 -24.66 -2.87
N PRO A 109 -9.77 -24.43 -3.48
CA PRO A 109 -8.86 -23.39 -3.00
C PRO A 109 -9.37 -21.94 -3.09
N TYR A 110 -10.29 -21.62 -4.01
CA TYR A 110 -10.66 -20.21 -4.37
C TYR A 110 -12.16 -20.01 -4.44
N HIS A 111 -12.85 -20.71 -5.34
CA HIS A 111 -14.31 -20.59 -5.52
C HIS A 111 -15.03 -21.33 -4.39
N ASN A 112 -14.73 -20.95 -3.15
CA ASN A 112 -15.42 -21.45 -1.94
C ASN A 112 -16.26 -20.30 -1.39
N PHE A 113 -16.80 -20.47 -0.17
CA PHE A 113 -17.71 -19.53 0.52
C PHE A 113 -16.97 -18.23 0.86
N TYR A 114 -15.67 -18.30 1.17
CA TYR A 114 -14.87 -17.11 1.55
C TYR A 114 -14.82 -16.16 0.34
N HIS A 115 -14.68 -16.70 -0.88
CA HIS A 115 -14.68 -15.89 -2.12
C HIS A 115 -15.97 -15.09 -2.22
N VAL A 116 -17.14 -15.70 -2.03
CA VAL A 116 -18.43 -15.00 -2.33
C VAL A 116 -18.77 -14.05 -1.16
N VAL A 117 -18.29 -14.35 0.06
CA VAL A 117 -18.37 -13.39 1.20
C VAL A 117 -17.44 -12.20 0.93
N ASP A 118 -16.26 -12.44 0.39
CA ASP A 118 -15.35 -11.37 -0.10
C ASP A 118 -16.05 -10.50 -1.16
N VAL A 119 -16.74 -11.11 -2.14
CA VAL A 119 -17.40 -10.34 -3.24
C VAL A 119 -18.53 -9.49 -2.63
N CYS A 120 -19.31 -10.07 -1.72
CA CYS A 120 -20.36 -9.38 -0.95
C CYS A 120 -19.79 -8.14 -0.20
N GLN A 121 -18.69 -8.32 0.53
CA GLN A 121 -18.08 -7.24 1.34
C GLN A 121 -17.54 -6.18 0.38
N THR A 122 -16.86 -6.60 -0.68
CA THR A 122 -16.24 -5.67 -1.63
C THR A 122 -17.34 -4.83 -2.30
N ILE A 123 -18.47 -5.47 -2.64
CA ILE A 123 -19.62 -4.78 -3.32
C ILE A 123 -20.21 -3.77 -2.36
N HIS A 124 -20.35 -4.11 -1.07
CA HIS A 124 -20.76 -3.15 0.00
C HIS A 124 -19.86 -1.90 -0.04
N THR A 125 -18.56 -2.04 -0.12
CA THR A 125 -17.61 -0.90 -0.16
C THR A 125 -17.81 -0.10 -1.45
N PHE A 126 -18.00 -0.74 -2.61
CA PHE A 126 -18.19 -0.02 -3.90
C PHE A 126 -19.48 0.82 -3.83
N LEU A 127 -20.52 0.22 -3.27
CA LEU A 127 -21.85 0.88 -3.13
C LEU A 127 -21.73 2.06 -2.14
N TYR A 128 -21.17 1.85 -0.95
CA TYR A 128 -21.33 2.75 0.23
C TYR A 128 -20.11 3.65 0.45
N ARG A 129 -18.88 3.14 0.22
CA ARG A 129 -17.65 3.97 0.21
C ARG A 129 -17.43 4.59 -1.17
N GLY A 130 -17.83 3.93 -2.26
CA GLY A 130 -17.61 4.43 -3.64
C GLY A 130 -18.81 5.24 -4.14
N ASN A 131 -19.89 5.27 -3.38
CA ASN A 131 -21.12 6.07 -3.64
C ASN A 131 -21.83 5.55 -4.90
N VAL A 132 -21.59 4.29 -5.28
CA VAL A 132 -22.32 3.68 -6.44
C VAL A 132 -23.80 3.50 -6.06
N TYR A 133 -24.16 3.41 -4.77
CA TYR A 133 -25.57 3.35 -4.30
C TYR A 133 -26.41 4.46 -4.98
N GLU A 134 -25.80 5.61 -5.25
CA GLU A 134 -26.50 6.79 -5.83
C GLU A 134 -27.01 6.46 -7.23
N LYS A 135 -26.47 5.42 -7.88
CA LYS A 135 -26.82 5.09 -9.28
C LYS A 135 -27.99 4.08 -9.32
N LEU A 136 -28.36 3.50 -8.17
CA LEU A 136 -29.29 2.34 -8.09
C LEU A 136 -30.38 2.60 -7.05
N THR A 137 -31.49 1.86 -7.14
CA THR A 137 -32.58 1.86 -6.15
C THR A 137 -32.06 1.08 -4.94
N GLU A 138 -32.72 1.22 -3.80
CA GLU A 138 -32.43 0.35 -2.63
C GLU A 138 -32.63 -1.11 -3.01
N LEU A 139 -33.68 -1.44 -3.75
CA LEU A 139 -33.94 -2.87 -4.14
C LEU A 139 -32.72 -3.40 -4.91
N GLU A 140 -32.20 -2.63 -5.88
CA GLU A 140 -31.03 -3.04 -6.68
C GLU A 140 -29.81 -3.20 -5.75
N CYS A 141 -29.59 -2.31 -4.80
CA CYS A 141 -28.52 -2.46 -3.78
C CYS A 141 -28.72 -3.77 -3.02
N PHE A 142 -29.97 -4.06 -2.63
CA PHE A 142 -30.30 -5.29 -1.86
C PHE A 142 -30.00 -6.49 -2.75
N VAL A 143 -30.54 -6.50 -3.97
CA VAL A 143 -30.31 -7.64 -4.91
C VAL A 143 -28.80 -7.86 -5.10
N LEU A 144 -27.99 -6.82 -5.31
CA LEU A 144 -26.53 -7.01 -5.56
C LEU A 144 -25.85 -7.70 -4.38
N LEU A 145 -26.10 -7.24 -3.16
CA LEU A 145 -25.47 -7.83 -1.95
C LEU A 145 -25.87 -9.31 -1.84
N ILE A 146 -27.13 -9.62 -2.15
CA ILE A 146 -27.67 -11.02 -2.11
C ILE A 146 -27.04 -11.84 -3.26
N THR A 147 -26.98 -11.25 -4.46
CA THR A 147 -26.44 -11.97 -5.64
C THR A 147 -24.96 -12.32 -5.40
N ALA A 148 -24.20 -11.48 -4.70
CA ALA A 148 -22.79 -11.80 -4.38
C ALA A 148 -22.71 -13.23 -3.84
N LEU A 149 -23.62 -13.60 -2.94
CA LEU A 149 -23.54 -14.86 -2.16
C LEU A 149 -23.93 -16.06 -3.03
N VAL A 150 -24.75 -15.90 -4.09
CA VAL A 150 -25.21 -17.05 -4.93
C VAL A 150 -24.34 -17.21 -6.19
N HIS A 151 -23.44 -16.27 -6.52
CA HIS A 151 -22.86 -16.09 -7.88
C HIS A 151 -21.88 -17.21 -8.30
N ASP A 152 -21.46 -18.07 -7.37
CA ASP A 152 -20.56 -19.22 -7.70
C ASP A 152 -21.05 -20.54 -7.05
N LEU A 153 -22.34 -20.65 -6.70
CA LEU A 153 -22.89 -21.86 -5.99
C LEU A 153 -22.43 -23.15 -6.67
N ASP A 154 -21.87 -24.06 -5.86
CA ASP A 154 -21.57 -25.47 -6.20
C ASP A 154 -20.50 -25.48 -7.30
N HIS A 155 -19.54 -24.56 -7.18
CA HIS A 155 -18.34 -24.44 -8.05
C HIS A 155 -17.36 -25.54 -7.63
N MET A 156 -16.79 -26.24 -8.60
CA MET A 156 -16.08 -27.53 -8.39
C MET A 156 -14.59 -27.30 -8.62
N GLY A 157 -14.20 -26.05 -8.89
CA GLY A 157 -12.79 -25.66 -9.11
C GLY A 157 -12.35 -25.84 -10.54
N LEU A 158 -13.30 -26.05 -11.45
CA LEU A 158 -13.05 -26.26 -12.91
C LEU A 158 -13.82 -25.19 -13.69
N ASN A 159 -13.19 -24.61 -14.72
CA ASN A 159 -13.75 -23.50 -15.52
C ASN A 159 -14.69 -24.10 -16.58
N ASN A 160 -15.37 -23.24 -17.35
CA ASN A 160 -16.34 -23.66 -18.39
C ASN A 160 -15.59 -24.55 -19.41
N SER A 161 -14.43 -24.09 -19.86
CA SER A 161 -13.60 -24.77 -20.89
C SER A 161 -13.43 -26.25 -20.52
N PHE A 162 -13.20 -26.56 -19.26
CA PHE A 162 -12.89 -27.94 -18.83
C PHE A 162 -14.05 -28.87 -19.21
N TYR A 163 -15.26 -28.47 -18.85
CA TYR A 163 -16.52 -29.23 -19.07
C TYR A 163 -16.75 -29.51 -20.56
N LEU A 164 -16.43 -28.53 -21.41
CA LEU A 164 -16.64 -28.62 -22.87
C LEU A 164 -15.54 -29.47 -23.51
N LYS A 165 -14.27 -29.25 -23.19
CA LYS A 165 -13.13 -30.02 -23.76
C LYS A 165 -13.24 -31.50 -23.37
N THR A 166 -13.80 -31.81 -22.21
CA THR A 166 -13.83 -33.22 -21.78
C THR A 166 -15.14 -33.88 -22.17
N GLU A 167 -16.02 -33.15 -22.86
CA GLU A 167 -17.35 -33.66 -23.25
C GLU A 167 -18.04 -34.23 -22.00
N SER A 168 -18.01 -33.50 -20.90
CA SER A 168 -18.66 -33.98 -19.66
C SER A 168 -20.17 -33.76 -19.74
N PRO A 169 -21.00 -34.48 -18.96
CA PRO A 169 -22.44 -34.32 -19.00
C PRO A 169 -22.95 -32.88 -18.96
N LEU A 170 -22.44 -32.08 -18.02
CA LEU A 170 -22.87 -30.66 -17.90
C LEU A 170 -22.50 -29.91 -19.18
N GLY A 171 -21.34 -30.24 -19.75
CA GLY A 171 -20.84 -29.62 -21.00
C GLY A 171 -21.78 -29.93 -22.15
N ILE A 172 -22.25 -31.18 -22.23
CA ILE A 172 -23.06 -31.68 -23.37
C ILE A 172 -24.41 -30.95 -23.29
N LEU A 173 -24.95 -30.88 -22.08
CA LEU A 173 -26.24 -30.22 -21.79
C LEU A 173 -26.15 -28.74 -22.16
N SER A 174 -25.04 -28.08 -21.86
CA SER A 174 -24.90 -26.64 -22.19
C SER A 174 -24.88 -26.50 -23.71
N SER A 175 -24.03 -27.29 -24.34
CA SER A 175 -23.86 -27.32 -25.80
C SER A 175 -25.19 -27.67 -26.48
N ALA A 176 -25.89 -28.67 -25.98
CA ALA A 176 -27.17 -29.11 -26.59
C ALA A 176 -28.23 -28.02 -26.46
N SER A 177 -28.28 -27.33 -25.32
CA SER A 177 -29.31 -26.29 -25.09
C SER A 177 -28.88 -24.90 -25.59
N GLY A 178 -27.71 -24.77 -26.19
CA GLY A 178 -27.28 -23.47 -26.75
C GLY A 178 -26.75 -22.43 -25.78
N ASN A 179 -26.36 -22.80 -24.57
CA ASN A 179 -25.76 -21.78 -23.66
C ASN A 179 -24.35 -22.23 -23.27
N THR A 180 -23.34 -21.47 -23.68
CA THR A 180 -21.92 -21.78 -23.42
C THR A 180 -21.53 -21.47 -21.97
N SER A 181 -22.34 -20.73 -21.22
CA SER A 181 -21.99 -20.41 -19.80
C SER A 181 -22.37 -21.56 -18.88
N VAL A 182 -21.65 -22.67 -18.96
CA VAL A 182 -21.94 -23.90 -18.18
C VAL A 182 -22.14 -23.60 -16.69
N LEU A 183 -21.15 -23.01 -16.05
CA LEU A 183 -21.19 -22.86 -14.57
C LEU A 183 -22.25 -21.83 -14.18
N GLU A 184 -22.33 -20.73 -14.93
CA GLU A 184 -23.15 -19.55 -14.51
C GLU A 184 -24.62 -19.95 -14.52
N VAL A 185 -25.06 -20.71 -15.54
CA VAL A 185 -26.45 -21.27 -15.60
C VAL A 185 -26.65 -22.24 -14.41
N HIS A 186 -25.69 -23.11 -14.11
CA HIS A 186 -25.73 -23.98 -12.90
C HIS A 186 -25.95 -23.13 -11.64
N HIS A 187 -25.18 -22.06 -11.44
CA HIS A 187 -25.27 -21.21 -10.22
C HIS A 187 -26.72 -20.71 -10.14
N CYS A 188 -27.26 -20.19 -11.25
CA CYS A 188 -28.61 -19.57 -11.25
C CYS A 188 -29.66 -20.62 -10.87
N ASN A 189 -29.45 -21.84 -11.34
CA ASN A 189 -30.39 -22.97 -11.07
C ASN A 189 -30.46 -23.20 -9.57
N LEU A 190 -29.32 -23.21 -8.89
CA LEU A 190 -29.28 -23.44 -7.43
C LEU A 190 -29.82 -22.21 -6.70
N ALA A 191 -29.64 -21.03 -7.27
CA ALA A 191 -30.15 -19.80 -6.61
C ALA A 191 -31.67 -19.83 -6.56
N VAL A 192 -32.34 -20.18 -7.66
CA VAL A 192 -33.83 -20.18 -7.65
C VAL A 192 -34.35 -21.29 -6.73
N GLU A 193 -33.62 -22.40 -6.63
CA GLU A 193 -33.98 -23.53 -5.74
C GLU A 193 -34.10 -22.98 -4.32
N ILE A 194 -33.03 -22.38 -3.82
CA ILE A 194 -33.00 -21.82 -2.44
C ILE A 194 -34.13 -20.82 -2.21
N LEU A 195 -34.46 -19.98 -3.18
CA LEU A 195 -35.44 -18.89 -2.99
C LEU A 195 -36.89 -19.37 -3.17
N SER A 196 -37.05 -20.62 -3.60
CA SER A 196 -38.38 -21.23 -3.86
C SER A 196 -39.03 -21.64 -2.53
N ASP A 197 -38.22 -21.72 -1.48
CA ASP A 197 -38.69 -22.05 -0.11
C ASP A 197 -38.85 -20.73 0.65
N PRO A 198 -40.06 -20.39 1.14
CA PRO A 198 -40.29 -19.10 1.83
C PRO A 198 -39.43 -18.81 3.07
N GLU A 199 -38.90 -19.84 3.71
CA GLU A 199 -38.03 -19.77 4.92
C GLU A 199 -36.64 -19.24 4.57
N SER A 200 -36.25 -19.26 3.29
CA SER A 200 -34.94 -18.74 2.85
C SER A 200 -35.10 -17.87 1.61
N ASP A 201 -36.28 -17.33 1.38
CA ASP A 201 -36.53 -16.42 0.24
C ASP A 201 -36.42 -14.98 0.73
N VAL A 202 -35.22 -14.40 0.66
CA VAL A 202 -35.02 -12.96 1.02
C VAL A 202 -35.90 -12.06 0.14
N PHE A 203 -36.59 -12.58 -0.88
CA PHE A 203 -37.46 -11.74 -1.76
C PHE A 203 -38.94 -12.04 -1.51
N ASP A 204 -39.29 -12.85 -0.49
CA ASP A 204 -40.71 -13.18 -0.19
C ASP A 204 -41.52 -11.91 0.09
N GLY A 205 -40.88 -10.86 0.63
CA GLY A 205 -41.55 -9.56 0.89
C GLY A 205 -41.91 -8.83 -0.37
N LEU A 206 -41.42 -9.26 -1.53
CA LEU A 206 -41.65 -8.59 -2.84
C LEU A 206 -42.85 -9.23 -3.52
N GLU A 207 -43.55 -8.48 -4.37
CA GLU A 207 -44.59 -9.03 -5.28
C GLU A 207 -44.55 -8.27 -6.62
N GLY A 208 -45.25 -8.80 -7.61
CA GLY A 208 -45.40 -8.21 -8.94
C GLY A 208 -44.05 -7.79 -9.50
N ALA A 209 -43.98 -6.54 -9.99
CA ALA A 209 -42.87 -6.04 -10.83
C ALA A 209 -41.57 -6.08 -10.02
N GLU A 210 -41.63 -5.90 -8.70
CA GLU A 210 -40.41 -5.81 -7.84
C GLU A 210 -39.81 -7.21 -7.68
N ARG A 211 -40.64 -8.23 -7.45
CA ARG A 211 -40.18 -9.64 -7.32
C ARG A 211 -39.56 -10.06 -8.66
N THR A 212 -40.24 -9.77 -9.76
CA THR A 212 -39.72 -10.07 -11.12
C THR A 212 -38.34 -9.41 -11.27
N LEU A 213 -38.24 -8.11 -10.95
CA LEU A 213 -36.99 -7.34 -11.16
C LEU A 213 -35.88 -7.99 -10.33
N ALA A 214 -36.19 -8.42 -9.11
CA ALA A 214 -35.18 -8.99 -8.19
C ALA A 214 -34.60 -10.27 -8.83
N PHE A 215 -35.45 -11.13 -9.38
CA PHE A 215 -35.00 -12.44 -9.95
C PHE A 215 -34.26 -12.18 -11.27
N ARG A 216 -34.87 -11.37 -12.14
CA ARG A 216 -34.27 -11.10 -13.48
C ARG A 216 -32.87 -10.49 -13.28
N SER A 217 -32.71 -9.53 -12.35
CA SER A 217 -31.43 -8.78 -12.17
C SER A 217 -30.42 -9.69 -11.47
N MET A 218 -30.84 -10.51 -10.51
CA MET A 218 -29.90 -11.48 -9.89
C MET A 218 -29.36 -12.41 -10.98
N ILE A 219 -30.23 -12.90 -11.84
CA ILE A 219 -29.85 -13.88 -12.90
C ILE A 219 -28.98 -13.19 -13.96
N ASP A 220 -29.40 -12.04 -14.47
CA ASP A 220 -28.59 -11.27 -15.47
C ASP A 220 -27.17 -11.04 -14.92
N CYS A 221 -27.00 -10.64 -13.65
CA CYS A 221 -25.69 -10.34 -13.03
C CYS A 221 -24.81 -11.61 -12.99
N VAL A 222 -25.35 -12.74 -12.54
CA VAL A 222 -24.60 -14.02 -12.45
C VAL A 222 -24.14 -14.43 -13.85
N LEU A 223 -25.05 -14.41 -14.83
CA LEU A 223 -24.72 -14.73 -16.24
C LEU A 223 -23.63 -13.79 -16.75
N ALA A 224 -23.59 -12.53 -16.29
CA ALA A 224 -22.58 -11.55 -16.77
C ALA A 224 -21.20 -11.81 -16.14
N THR A 225 -21.06 -12.69 -15.15
CA THR A 225 -19.74 -13.00 -14.51
C THR A 225 -18.91 -13.96 -15.37
N ASP A 226 -19.47 -14.52 -16.45
CA ASP A 226 -18.71 -15.38 -17.39
C ASP A 226 -17.69 -14.51 -18.12
N MET A 227 -16.40 -14.72 -17.91
CA MET A 227 -15.34 -13.81 -18.43
C MET A 227 -15.27 -13.89 -19.95
N ALA A 228 -15.96 -14.85 -20.59
CA ALA A 228 -16.04 -14.91 -22.07
C ALA A 228 -16.81 -13.69 -22.58
N LYS A 229 -17.65 -13.08 -21.74
CA LYS A 229 -18.52 -11.91 -22.10
C LYS A 229 -17.91 -10.60 -21.56
N HIS A 230 -16.70 -10.66 -20.99
CA HIS A 230 -16.03 -9.52 -20.31
C HIS A 230 -16.04 -8.29 -21.24
N GLY A 231 -15.42 -8.43 -22.42
CA GLY A 231 -15.27 -7.35 -23.41
C GLY A 231 -16.60 -6.71 -23.75
N SER A 232 -17.61 -7.52 -24.10
CA SER A 232 -18.91 -6.99 -24.59
C SER A 232 -19.70 -6.36 -23.43
N ALA A 233 -19.64 -6.88 -22.20
CA ALA A 233 -20.33 -6.29 -21.03
C ALA A 233 -19.68 -4.94 -20.72
N LEU A 234 -18.36 -4.86 -20.69
CA LEU A 234 -17.65 -3.59 -20.45
C LEU A 234 -17.99 -2.54 -21.51
N GLU A 235 -18.02 -2.90 -22.80
CA GLU A 235 -18.30 -1.94 -23.90
C GLU A 235 -19.76 -1.48 -23.85
N ALA A 236 -20.70 -2.37 -23.51
CA ALA A 236 -22.13 -2.03 -23.39
C ALA A 236 -22.33 -1.01 -22.26
N PHE A 237 -21.78 -1.28 -21.09
CA PHE A 237 -21.87 -0.36 -19.93
C PHE A 237 -21.25 1.01 -20.30
N LEU A 238 -20.08 1.04 -20.92
CA LEU A 238 -19.42 2.32 -21.31
C LEU A 238 -20.25 3.09 -22.36
N ALA A 239 -20.83 2.43 -23.36
CA ALA A 239 -21.64 3.11 -24.40
C ALA A 239 -22.91 3.69 -23.76
N SER A 240 -23.51 2.98 -22.81
CA SER A 240 -24.69 3.44 -22.06
C SER A 240 -24.36 4.65 -21.18
N ALA A 241 -23.31 4.59 -20.36
CA ALA A 241 -22.88 5.68 -19.46
C ALA A 241 -22.52 6.93 -20.25
N ALA A 242 -22.02 6.78 -21.48
CA ALA A 242 -21.67 7.94 -22.35
C ALA A 242 -22.91 8.56 -22.99
N ASP A 243 -24.05 7.84 -23.01
CA ASP A 243 -25.32 8.25 -23.70
C ASP A 243 -26.34 8.78 -22.68
N GLN A 244 -26.48 10.11 -22.58
CA GLN A 244 -27.48 10.78 -21.72
C GLN A 244 -28.89 10.35 -22.11
N SER A 245 -29.12 9.74 -23.28
CA SER A 245 -30.46 9.25 -23.66
C SER A 245 -30.57 7.73 -23.54
N SER A 246 -29.61 7.06 -22.93
CA SER A 246 -29.71 5.61 -22.65
C SER A 246 -31.04 5.34 -21.96
N ASP A 247 -31.65 4.22 -22.28
CA ASP A 247 -32.79 3.72 -21.49
C ASP A 247 -32.34 3.54 -20.04
N GLU A 248 -33.06 4.13 -19.10
CA GLU A 248 -32.68 4.22 -17.67
C GLU A 248 -32.69 2.81 -17.03
N ALA A 249 -33.72 2.01 -17.26
CA ALA A 249 -33.82 0.62 -16.75
C ALA A 249 -32.60 -0.19 -17.22
N ALA A 250 -32.24 -0.08 -18.50
CA ALA A 250 -31.08 -0.76 -19.10
C ALA A 250 -29.79 -0.29 -18.43
N PHE A 251 -29.66 1.00 -18.12
CA PHE A 251 -28.43 1.56 -17.50
C PHE A 251 -28.30 1.00 -16.08
N HIS A 252 -29.38 1.02 -15.33
CA HIS A 252 -29.41 0.36 -13.99
C HIS A 252 -28.91 -1.08 -14.11
N ARG A 253 -29.44 -1.84 -15.07
CA ARG A 253 -29.15 -3.30 -15.17
C ARG A 253 -27.67 -3.50 -15.44
N MET A 254 -27.12 -2.71 -16.34
CA MET A 254 -25.71 -2.82 -16.75
C MET A 254 -24.80 -2.33 -15.61
N THR A 255 -25.26 -1.37 -14.81
CA THR A 255 -24.55 -0.92 -13.59
C THR A 255 -24.46 -2.09 -12.61
N MET A 256 -25.58 -2.80 -12.37
CA MET A 256 -25.58 -4.01 -11.48
C MET A 256 -24.57 -5.05 -12.00
N GLU A 257 -24.66 -5.39 -13.29
CA GLU A 257 -23.76 -6.39 -13.90
C GLU A 257 -22.30 -5.94 -13.74
N ILE A 258 -22.02 -4.67 -13.99
CA ILE A 258 -20.62 -4.16 -13.90
C ILE A 258 -20.13 -4.21 -12.46
N ILE A 259 -20.99 -3.93 -11.49
CA ILE A 259 -20.59 -3.96 -10.06
C ILE A 259 -20.31 -5.40 -9.63
N LEU A 260 -21.15 -6.36 -10.02
CA LEU A 260 -20.87 -7.76 -9.65
C LEU A 260 -19.55 -8.19 -10.30
N LYS A 261 -19.36 -7.85 -11.56
CA LYS A 261 -18.10 -8.17 -12.28
C LYS A 261 -16.94 -7.52 -11.53
N ALA A 262 -17.06 -6.24 -11.16
CA ALA A 262 -16.02 -5.48 -10.42
C ALA A 262 -15.61 -6.27 -9.17
N GLY A 263 -16.56 -6.67 -8.35
CA GLY A 263 -16.28 -7.41 -7.11
C GLY A 263 -15.58 -8.72 -7.43
N ASP A 264 -16.01 -9.37 -8.50
CA ASP A 264 -15.51 -10.71 -8.91
C ASP A 264 -14.04 -10.61 -9.33
N ILE A 265 -13.56 -9.49 -9.88
CA ILE A 265 -12.10 -9.33 -10.17
C ILE A 265 -11.45 -8.26 -9.27
N SER A 266 -11.89 -8.12 -8.02
CA SER A 266 -11.47 -7.05 -7.06
C SER A 266 -10.24 -7.44 -6.23
N ASN A 267 -9.76 -8.67 -6.36
CA ASN A 267 -8.59 -9.17 -5.61
C ASN A 267 -7.43 -8.18 -5.67
N VAL A 268 -7.10 -7.67 -6.86
CA VAL A 268 -5.94 -6.77 -7.10
C VAL A 268 -6.21 -5.32 -6.66
N THR A 269 -7.39 -5.02 -6.08
CA THR A 269 -7.73 -3.67 -5.53
C THR A 269 -7.57 -3.66 -4.00
N LYS A 270 -7.13 -4.77 -3.41
CA LYS A 270 -6.98 -4.94 -1.95
C LYS A 270 -5.55 -4.60 -1.56
N PRO A 271 -5.29 -4.31 -0.27
CA PRO A 271 -3.92 -4.21 0.24
C PRO A 271 -3.05 -5.39 -0.21
N PHE A 272 -1.81 -5.12 -0.62
CA PHE A 272 -0.91 -6.07 -1.33
C PHE A 272 -0.96 -7.47 -0.68
N ASP A 273 -0.90 -7.64 0.64
CA ASP A 273 -0.74 -9.00 1.23
C ASP A 273 -2.02 -9.79 1.07
N ILE A 274 -3.17 -9.11 1.15
CA ILE A 274 -4.52 -9.69 0.89
C ILE A 274 -4.57 -10.16 -0.58
N SER A 275 -4.26 -9.25 -1.50
CA SER A 275 -4.20 -9.49 -2.97
C SER A 275 -3.38 -10.76 -3.24
N ARG A 276 -2.18 -10.82 -2.65
CA ARG A 276 -1.19 -11.92 -2.78
C ARG A 276 -1.81 -13.24 -2.34
N GLN A 277 -2.45 -13.29 -1.18
CA GLN A 277 -3.04 -14.55 -0.68
C GLN A 277 -4.15 -15.02 -1.64
N TRP A 278 -4.98 -14.09 -2.15
CA TRP A 278 -5.99 -14.41 -3.19
C TRP A 278 -5.26 -14.98 -4.42
N ALA A 279 -4.22 -14.33 -4.93
CA ALA A 279 -3.49 -14.83 -6.12
C ALA A 279 -2.93 -16.25 -5.85
N MET A 280 -2.57 -16.57 -4.61
CA MET A 280 -2.02 -17.91 -4.27
C MET A 280 -3.14 -18.94 -4.37
N ALA A 281 -4.31 -18.60 -3.84
CA ALA A 281 -5.48 -19.49 -3.82
C ALA A 281 -5.99 -19.75 -5.23
N VAL A 282 -5.97 -18.75 -6.11
CA VAL A 282 -6.49 -18.95 -7.49
C VAL A 282 -5.48 -19.72 -8.33
N THR A 283 -4.19 -19.54 -8.07
CA THR A 283 -3.15 -20.24 -8.86
C THR A 283 -3.18 -21.72 -8.52
N GLU A 284 -3.49 -22.06 -7.27
CA GLU A 284 -3.52 -23.48 -6.87
C GLU A 284 -4.72 -24.14 -7.53
N GLU A 285 -5.85 -23.43 -7.57
CA GLU A 285 -7.09 -24.00 -8.14
C GLU A 285 -6.84 -24.28 -9.63
N PHE A 286 -6.19 -23.34 -10.32
CA PHE A 286 -5.86 -23.49 -11.75
C PHE A 286 -4.96 -24.72 -11.90
N TYR A 287 -3.98 -24.87 -11.00
CA TYR A 287 -2.94 -25.93 -11.10
C TYR A 287 -3.63 -27.29 -11.04
N ARG A 288 -4.54 -27.48 -10.06
CA ARG A 288 -5.38 -28.69 -9.93
C ARG A 288 -6.11 -28.96 -11.24
N GLN A 289 -6.79 -27.96 -11.82
CA GLN A 289 -7.58 -28.21 -13.06
C GLN A 289 -6.63 -28.84 -14.08
N GLY A 290 -5.45 -28.26 -14.28
CA GLY A 290 -4.39 -28.73 -15.20
C GLY A 290 -3.85 -30.12 -14.84
N ASP A 291 -3.90 -30.52 -13.56
CA ASP A 291 -3.52 -31.88 -13.08
C ASP A 291 -4.53 -32.91 -13.60
N MET A 292 -5.82 -32.57 -13.57
CA MET A 292 -6.93 -33.43 -14.05
C MET A 292 -7.00 -33.40 -15.58
N GLU A 293 -6.70 -32.26 -16.18
CA GLU A 293 -6.70 -32.16 -17.65
C GLU A 293 -5.59 -33.07 -18.16
N LYS A 294 -4.54 -33.20 -17.36
CA LYS A 294 -3.38 -34.05 -17.69
C LYS A 294 -3.84 -35.51 -17.70
N GLU A 295 -4.35 -35.96 -16.56
CA GLU A 295 -4.80 -37.35 -16.38
C GLU A 295 -5.96 -37.66 -17.31
N ARG A 296 -6.58 -36.66 -17.93
CA ARG A 296 -7.71 -36.96 -18.85
C ARG A 296 -7.22 -36.88 -20.29
N GLY A 297 -6.00 -36.38 -20.49
CA GLY A 297 -5.44 -36.28 -21.84
C GLY A 297 -6.10 -35.17 -22.63
N VAL A 298 -6.28 -34.00 -22.01
CA VAL A 298 -6.88 -32.86 -22.76
C VAL A 298 -5.89 -31.69 -22.75
N GLU A 299 -6.06 -30.75 -23.68
CA GLU A 299 -5.17 -29.56 -23.78
C GLU A 299 -5.03 -28.89 -22.40
N VAL A 300 -3.80 -28.62 -21.96
CA VAL A 300 -3.48 -27.92 -20.67
C VAL A 300 -2.76 -26.59 -20.99
N LEU A 301 -3.41 -25.45 -20.75
CA LEU A 301 -2.82 -24.10 -20.98
C LEU A 301 -1.62 -23.86 -20.05
N PRO A 302 -0.67 -22.95 -20.42
CA PRO A 302 0.46 -22.65 -19.55
C PRO A 302 0.02 -22.32 -18.12
N MET A 303 -0.92 -21.37 -18.01
CA MET A 303 -1.61 -20.90 -16.79
C MET A 303 -1.94 -22.04 -15.81
N PHE A 304 -2.28 -23.26 -16.28
CA PHE A 304 -2.84 -24.35 -15.42
C PHE A 304 -1.78 -25.41 -15.14
N ASP A 305 -0.55 -25.18 -15.61
CA ASP A 305 0.56 -26.17 -15.66
C ASP A 305 1.57 -25.91 -14.53
N ARG A 306 1.58 -26.77 -13.50
CA ARG A 306 2.54 -26.62 -12.38
C ARG A 306 3.98 -26.79 -12.89
N SER A 307 4.14 -27.46 -14.03
CA SER A 307 5.49 -27.73 -14.60
C SER A 307 6.07 -26.50 -15.29
N LYS A 308 5.24 -25.50 -15.59
CA LYS A 308 5.74 -24.26 -16.21
C LYS A 308 6.31 -23.35 -15.12
N ASN A 309 5.89 -23.62 -13.86
CA ASN A 309 6.31 -22.93 -12.61
C ASN A 309 6.51 -21.43 -12.88
N MET A 310 5.46 -20.74 -13.32
CA MET A 310 5.58 -19.31 -13.66
C MET A 310 5.59 -18.46 -12.39
N GLU A 311 6.23 -17.29 -12.44
CA GLU A 311 6.28 -16.38 -11.26
C GLU A 311 4.93 -15.68 -11.07
N LEU A 312 4.37 -15.78 -9.86
CA LEU A 312 3.21 -14.99 -9.36
C LEU A 312 3.34 -13.55 -9.87
N ALA A 313 4.48 -12.91 -9.61
CA ALA A 313 4.76 -11.50 -9.95
C ALA A 313 4.32 -11.22 -11.38
N LYS A 314 4.85 -12.01 -12.32
CA LYS A 314 4.60 -11.82 -13.78
C LYS A 314 3.11 -12.07 -14.06
N GLY A 315 2.50 -13.05 -13.38
CA GLY A 315 1.08 -13.40 -13.51
C GLY A 315 0.20 -12.21 -13.13
N GLN A 316 0.36 -11.72 -11.90
CA GLN A 316 -0.40 -10.56 -11.37
C GLN A 316 -0.17 -9.35 -12.26
N ILE A 317 1.07 -9.06 -12.67
CA ILE A 317 1.34 -7.88 -13.54
C ILE A 317 0.56 -8.04 -14.85
N GLY A 318 0.46 -9.29 -15.31
CA GLY A 318 -0.22 -9.65 -16.56
C GLY A 318 -1.71 -9.38 -16.46
N PHE A 319 -2.31 -9.88 -15.38
CA PHE A 319 -3.74 -9.71 -15.04
C PHE A 319 -4.06 -8.23 -14.89
N ILE A 320 -3.19 -7.51 -14.18
CA ILE A 320 -3.29 -6.04 -13.98
C ILE A 320 -3.28 -5.36 -15.34
N ASP A 321 -2.34 -5.67 -16.22
CA ASP A 321 -2.16 -4.89 -17.49
C ASP A 321 -3.26 -5.21 -18.50
N PHE A 322 -3.74 -6.45 -18.57
CA PHE A 322 -4.61 -6.90 -19.70
C PHE A 322 -6.08 -6.90 -19.27
N VAL A 323 -6.40 -7.13 -17.99
CA VAL A 323 -7.78 -7.21 -17.46
C VAL A 323 -8.12 -6.07 -16.47
N ALA A 324 -7.54 -6.06 -15.27
CA ALA A 324 -8.08 -5.31 -14.11
C ALA A 324 -7.84 -3.79 -14.24
N ALA A 325 -6.68 -3.33 -14.69
CA ALA A 325 -6.38 -1.88 -14.70
C ALA A 325 -7.24 -1.17 -15.75
N PRO A 326 -7.31 -1.63 -17.01
CA PRO A 326 -8.19 -1.02 -18.00
C PRO A 326 -9.65 -1.03 -17.55
N PHE A 327 -10.11 -2.12 -16.92
CA PHE A 327 -11.52 -2.30 -16.49
C PHE A 327 -11.90 -1.23 -15.46
N PHE A 328 -11.16 -1.19 -14.35
CA PHE A 328 -11.41 -0.23 -13.25
C PHE A 328 -11.18 1.20 -13.74
N GLN A 329 -10.17 1.47 -14.57
CA GLN A 329 -9.90 2.87 -14.99
C GLN A 329 -11.08 3.36 -15.84
N LYS A 330 -11.56 2.53 -16.76
CA LYS A 330 -12.64 2.90 -17.71
C LYS A 330 -13.95 3.16 -16.98
N ILE A 331 -14.32 2.35 -15.98
CA ILE A 331 -15.66 2.51 -15.32
C ILE A 331 -15.61 3.70 -14.38
N VAL A 332 -14.48 3.92 -13.71
CA VAL A 332 -14.27 5.12 -12.85
C VAL A 332 -14.31 6.37 -13.73
N ASP A 333 -13.58 6.39 -14.85
CA ASP A 333 -13.59 7.57 -15.77
C ASP A 333 -15.00 7.81 -16.32
N ALA A 334 -15.63 6.75 -16.80
CA ALA A 334 -16.95 6.84 -17.45
C ALA A 334 -18.05 7.24 -16.48
N CYS A 335 -17.96 6.83 -15.22
CA CYS A 335 -19.17 7.02 -14.40
C CYS A 335 -18.92 6.86 -12.90
N LEU A 336 -18.20 5.83 -12.47
CA LEU A 336 -18.06 5.54 -11.02
C LEU A 336 -16.85 6.25 -10.41
N GLN A 337 -16.87 7.57 -10.43
CA GLN A 337 -15.77 8.42 -9.89
C GLN A 337 -15.43 8.08 -8.44
N GLY A 338 -16.39 7.76 -7.60
CA GLY A 338 -16.11 7.44 -6.19
C GLY A 338 -15.29 6.17 -5.99
N MET A 339 -14.97 5.44 -7.06
CA MET A 339 -14.24 4.15 -6.90
C MET A 339 -12.75 4.33 -7.26
N GLN A 340 -12.29 5.59 -7.38
CA GLN A 340 -10.90 5.96 -7.79
C GLN A 340 -9.86 5.15 -6.98
N TRP A 341 -10.15 4.85 -5.72
CA TRP A 341 -9.18 4.11 -4.85
C TRP A 341 -8.82 2.75 -5.44
N THR A 342 -9.73 2.09 -6.16
CA THR A 342 -9.42 0.78 -6.79
C THR A 342 -8.30 0.99 -7.79
N VAL A 343 -8.33 2.07 -8.55
CA VAL A 343 -7.29 2.35 -9.60
C VAL A 343 -5.95 2.70 -8.92
N ASP A 344 -5.97 3.42 -7.80
CA ASP A 344 -4.79 3.77 -6.97
C ASP A 344 -4.15 2.49 -6.39
N ARG A 345 -4.95 1.57 -5.84
CA ARG A 345 -4.43 0.34 -5.21
C ARG A 345 -3.89 -0.61 -6.28
N ILE A 346 -4.52 -0.68 -7.46
CA ILE A 346 -3.98 -1.52 -8.57
C ILE A 346 -2.61 -0.97 -8.92
N LYS A 347 -2.54 0.33 -9.18
CA LYS A 347 -1.30 1.07 -9.55
C LYS A 347 -0.19 0.74 -8.53
N SER A 348 -0.48 0.76 -7.24
CA SER A 348 0.54 0.53 -6.19
C SER A 348 0.84 -0.97 -6.08
N ASN A 349 -0.13 -1.85 -6.34
CA ASN A 349 0.10 -3.32 -6.28
C ASN A 349 1.05 -3.72 -7.41
N ARG A 350 0.89 -3.12 -8.59
CA ARG A 350 1.76 -3.37 -9.76
C ARG A 350 3.19 -2.90 -9.48
N ALA A 351 3.35 -1.77 -8.78
CA ALA A 351 4.66 -1.17 -8.39
C ALA A 351 5.41 -2.14 -7.48
N GLN A 352 4.68 -2.70 -6.52
CA GLN A 352 5.20 -3.66 -5.54
C GLN A 352 5.63 -4.96 -6.26
N TRP A 353 4.88 -5.45 -7.26
CA TRP A 353 5.26 -6.70 -7.98
C TRP A 353 6.49 -6.39 -8.84
N GLU A 354 6.56 -5.19 -9.40
CA GLU A 354 7.74 -4.74 -10.20
C GLU A 354 9.00 -4.68 -9.30
N ARG A 355 8.85 -4.43 -8.00
CA ARG A 355 9.97 -4.43 -7.02
C ARG A 355 10.34 -5.87 -6.67
N VAL A 356 9.40 -6.79 -6.55
CA VAL A 356 9.73 -8.23 -6.38
C VAL A 356 10.63 -8.63 -7.57
N LEU A 357 10.28 -8.23 -8.79
CA LEU A 357 11.09 -8.55 -10.00
C LEU A 357 12.44 -7.85 -9.92
N GLU A 358 12.43 -6.55 -9.67
CA GLU A 358 13.67 -5.72 -9.67
C GLU A 358 14.71 -6.30 -8.70
N THR A 359 14.31 -6.92 -7.57
CA THR A 359 15.22 -7.37 -6.49
C THR A 359 15.49 -8.89 -6.55
N ARG A 360 14.92 -9.61 -7.52
CA ARG A 360 15.11 -11.08 -7.67
C ARG A 360 16.57 -11.36 -8.10
N VAL B 28 22.40 12.33 -16.11
CA VAL B 28 22.79 12.53 -17.53
C VAL B 28 21.85 13.59 -18.14
N THR B 29 20.54 13.36 -18.08
CA THR B 29 19.47 14.24 -18.64
C THR B 29 19.47 15.57 -17.89
N ALA B 30 19.65 16.69 -18.59
CA ALA B 30 19.78 18.04 -17.97
C ALA B 30 18.41 18.49 -17.42
N ILE B 31 18.45 19.39 -16.44
CA ILE B 31 17.24 20.04 -15.86
C ILE B 31 16.81 21.15 -16.83
N THR B 32 15.53 21.18 -17.16
CA THR B 32 14.99 22.14 -18.15
C THR B 32 14.63 23.45 -17.47
N LYS B 33 14.48 24.52 -18.25
CA LYS B 33 14.09 25.85 -17.73
C LYS B 33 12.71 25.79 -17.09
N VAL B 34 11.81 25.00 -17.66
CA VAL B 34 10.43 24.82 -17.14
C VAL B 34 10.49 24.11 -15.78
N GLU B 35 11.40 23.15 -15.63
CA GLU B 35 11.50 22.38 -14.36
C GLU B 35 11.91 23.33 -13.23
N ARG B 36 12.81 24.25 -13.53
CA ARG B 36 13.32 25.25 -12.55
C ARG B 36 12.20 26.24 -12.20
N GLU B 37 11.41 26.67 -13.19
CA GLU B 37 10.39 27.74 -13.02
C GLU B 37 9.27 27.22 -12.11
N ALA B 38 8.94 25.93 -12.19
CA ALA B 38 7.86 25.27 -11.40
C ALA B 38 8.19 25.28 -9.91
N VAL B 39 9.48 25.37 -9.57
CA VAL B 39 9.98 25.47 -8.16
C VAL B 39 9.96 26.96 -7.79
N LEU B 40 10.53 27.83 -8.65
CA LEU B 40 10.74 29.29 -8.41
C LEU B 40 9.41 30.04 -8.21
N VAL B 41 8.28 29.50 -8.69
CA VAL B 41 6.93 30.15 -8.52
C VAL B 41 6.45 29.97 -7.08
N CYS B 42 6.67 28.81 -6.45
CA CYS B 42 6.26 28.54 -5.04
C CYS B 42 6.82 29.66 -4.15
N GLU B 43 6.03 30.14 -3.19
CA GLU B 43 6.43 31.29 -2.33
C GLU B 43 6.23 30.97 -0.85
N LEU B 44 5.61 29.84 -0.52
CA LEU B 44 5.60 29.30 0.88
C LEU B 44 5.04 30.36 1.82
N PRO B 45 3.86 30.93 1.49
CA PRO B 45 3.25 31.96 2.33
C PRO B 45 2.83 31.37 3.69
N SER B 46 3.26 32.01 4.78
CA SER B 46 2.94 31.66 6.20
C SER B 46 3.85 30.54 6.69
N PHE B 47 4.92 30.20 5.96
CA PHE B 47 5.90 29.15 6.36
C PHE B 47 7.18 29.84 6.79
N ASP B 48 7.73 29.43 7.94
CA ASP B 48 9.13 29.74 8.31
C ASP B 48 9.91 28.42 8.22
N VAL B 49 10.72 28.27 7.18
CA VAL B 49 11.49 27.03 6.92
C VAL B 49 12.60 26.88 7.98
N THR B 50 12.99 27.96 8.66
CA THR B 50 14.12 27.96 9.63
C THR B 50 13.61 27.59 11.02
N ASP B 51 12.31 27.35 11.19
CA ASP B 51 11.70 27.27 12.54
C ASP B 51 11.62 25.81 12.95
N VAL B 52 11.80 25.54 14.24
CA VAL B 52 11.79 24.18 14.86
C VAL B 52 10.39 23.55 14.79
N GLU B 53 9.35 24.35 14.62
CA GLU B 53 7.93 23.93 14.64
C GLU B 53 7.43 23.79 13.21
N PHE B 54 8.23 24.15 12.21
CA PHE B 54 7.89 24.02 10.78
C PHE B 54 7.30 22.63 10.49
N ASP B 55 6.21 22.63 9.70
CA ASP B 55 5.33 21.47 9.37
C ASP B 55 5.39 21.20 7.87
N LEU B 56 6.18 20.20 7.46
CA LEU B 56 6.36 19.78 6.06
C LEU B 56 5.05 19.14 5.54
N PHE B 57 4.31 18.43 6.40
CA PHE B 57 3.00 17.83 6.07
C PHE B 57 2.00 18.94 5.71
N ARG B 58 1.97 20.05 6.45
CA ARG B 58 1.11 21.22 6.14
C ARG B 58 1.55 21.85 4.81
N ALA B 59 2.86 21.99 4.57
CA ALA B 59 3.39 22.51 3.30
C ALA B 59 3.01 21.59 2.13
N ARG B 60 2.96 20.28 2.36
CA ARG B 60 2.64 19.28 1.29
C ARG B 60 1.17 19.46 0.88
N GLU B 61 0.30 19.48 1.90
CA GLU B 61 -1.17 19.68 1.82
C GLU B 61 -1.47 21.04 1.16
N SER B 62 -0.64 22.05 1.42
CA SER B 62 -0.88 23.44 0.99
C SER B 62 -1.02 23.63 -0.52
N THR B 63 -0.57 22.68 -1.32
CA THR B 63 -0.58 22.88 -2.79
C THR B 63 -0.94 21.55 -3.47
N ASP B 64 -1.26 21.58 -4.77
CA ASP B 64 -1.52 20.36 -5.58
C ASP B 64 -0.19 19.83 -6.14
N LYS B 65 0.92 20.53 -5.90
CA LYS B 65 2.28 20.17 -6.37
C LYS B 65 3.25 20.10 -5.19
N PRO B 66 3.11 19.12 -4.28
CA PRO B 66 3.98 19.01 -3.11
C PRO B 66 5.46 18.85 -3.51
N LEU B 67 5.78 18.03 -4.53
CA LEU B 67 7.19 17.85 -4.98
C LEU B 67 7.84 19.22 -5.23
N ASP B 68 7.08 20.19 -5.75
CA ASP B 68 7.62 21.54 -6.08
C ASP B 68 7.76 22.34 -4.77
N VAL B 69 6.81 22.24 -3.85
CA VAL B 69 6.90 22.95 -2.55
C VAL B 69 8.16 22.43 -1.83
N ALA B 70 8.29 21.11 -1.72
CA ALA B 70 9.46 20.42 -1.10
C ALA B 70 10.76 20.97 -1.69
N ALA B 71 10.88 21.03 -3.02
CA ALA B 71 12.08 21.53 -3.73
C ALA B 71 12.32 22.99 -3.35
N ALA B 72 11.26 23.82 -3.37
CA ALA B 72 11.33 25.24 -3.00
C ALA B 72 11.88 25.36 -1.56
N ILE B 73 11.40 24.50 -0.65
CA ILE B 73 11.84 24.48 0.78
C ILE B 73 13.35 24.22 0.86
N ALA B 74 13.88 23.19 0.19
CA ALA B 74 15.33 22.87 0.19
C ALA B 74 16.10 24.07 -0.40
N TYR B 75 15.57 24.69 -1.44
CA TYR B 75 16.24 25.79 -2.17
C TYR B 75 16.39 26.99 -1.23
N ARG B 76 15.32 27.33 -0.51
CA ARG B 76 15.31 28.51 0.38
C ARG B 76 16.17 28.24 1.62
N LEU B 77 16.20 26.99 2.06
CA LEU B 77 17.07 26.65 3.21
C LEU B 77 18.51 26.91 2.81
N LEU B 78 18.93 26.42 1.65
CA LEU B 78 20.35 26.57 1.25
C LEU B 78 20.67 28.04 0.96
N LEU B 79 19.80 28.76 0.27
CA LEU B 79 20.08 30.19 -0.06
C LEU B 79 20.09 31.01 1.22
N GLY B 80 19.13 30.76 2.11
CA GLY B 80 18.98 31.46 3.40
C GLY B 80 20.21 31.30 4.28
N SER B 81 20.95 30.21 4.15
CA SER B 81 22.17 29.92 4.93
C SER B 81 23.31 30.88 4.53
N GLY B 82 23.25 31.43 3.31
CA GLY B 82 24.32 32.27 2.76
C GLY B 82 25.52 31.46 2.30
N LEU B 83 25.49 30.13 2.42
CA LEU B 83 26.68 29.23 2.22
C LEU B 83 27.00 28.97 0.74
N PRO B 84 26.03 28.58 -0.12
CA PRO B 84 26.33 28.26 -1.50
C PRO B 84 27.04 29.39 -2.25
N GLN B 85 26.61 30.62 -2.03
CA GLN B 85 27.24 31.78 -2.70
C GLN B 85 28.70 31.88 -2.28
N LYS B 86 29.03 31.62 -1.02
CA LYS B 86 30.42 31.73 -0.52
C LYS B 86 31.33 30.66 -1.12
N PHE B 87 30.76 29.59 -1.67
CA PHE B 87 31.59 28.48 -2.20
C PHE B 87 31.47 28.36 -3.72
N GLY B 88 30.97 29.41 -4.39
CA GLY B 88 30.97 29.55 -5.85
C GLY B 88 29.88 28.72 -6.52
N CYS B 89 28.83 28.39 -5.78
CA CYS B 89 27.67 27.61 -6.27
C CYS B 89 26.54 28.58 -6.62
N SER B 90 26.26 28.75 -7.91
CA SER B 90 25.23 29.68 -8.45
C SER B 90 23.84 29.16 -8.09
N ASP B 91 22.84 30.04 -8.11
CA ASP B 91 21.43 29.70 -7.80
C ASP B 91 20.94 28.60 -8.75
N GLU B 92 21.36 28.63 -10.01
CA GLU B 92 20.94 27.68 -11.06
C GLU B 92 21.49 26.29 -10.74
N VAL B 93 22.79 26.20 -10.43
CA VAL B 93 23.48 24.90 -10.13
C VAL B 93 22.84 24.29 -8.86
N LEU B 94 22.54 25.10 -7.86
CA LEU B 94 21.91 24.63 -6.61
C LEU B 94 20.56 24.00 -6.93
N LEU B 95 19.75 24.64 -7.78
CA LEU B 95 18.36 24.19 -8.04
C LEU B 95 18.38 22.99 -9.00
N ASN B 96 19.35 22.93 -9.92
CA ASN B 96 19.57 21.75 -10.80
C ASN B 96 19.85 20.54 -9.91
N PHE B 97 20.85 20.69 -9.03
CA PHE B 97 21.28 19.69 -8.03
C PHE B 97 20.06 19.16 -7.28
N ILE B 98 19.20 20.05 -6.81
CA ILE B 98 18.03 19.67 -5.97
C ILE B 98 17.07 18.84 -6.82
N LEU B 99 16.89 19.16 -8.10
CA LEU B 99 15.89 18.46 -8.97
C LEU B 99 16.48 17.13 -9.46
N GLN B 100 17.78 17.04 -9.68
CA GLN B 100 18.47 15.74 -9.95
C GLN B 100 18.29 14.78 -8.76
N CYS B 101 18.50 15.23 -7.52
CA CYS B 101 18.25 14.37 -6.33
C CYS B 101 16.78 13.93 -6.32
N ARG B 102 15.87 14.87 -6.55
CA ARG B 102 14.40 14.63 -6.52
C ARG B 102 14.02 13.53 -7.49
N LYS B 103 14.59 13.56 -8.70
CA LYS B 103 14.30 12.55 -9.75
C LYS B 103 14.80 11.16 -9.32
N LYS B 104 15.71 11.05 -8.33
CA LYS B 104 16.25 9.74 -7.91
C LYS B 104 15.53 9.23 -6.65
N TYR B 105 14.52 9.95 -6.14
CA TYR B 105 13.70 9.39 -5.04
C TYR B 105 12.50 8.72 -5.65
N ARG B 106 12.06 7.65 -5.01
CA ARG B 106 10.91 6.83 -5.42
C ARG B 106 9.67 7.22 -4.62
N ASN B 107 8.57 6.63 -5.05
CA ASN B 107 7.23 6.80 -4.49
C ASN B 107 7.04 5.75 -3.39
N VAL B 108 7.88 5.76 -2.36
CA VAL B 108 7.75 4.81 -1.22
C VAL B 108 7.11 5.58 -0.07
N PRO B 109 6.51 4.91 0.93
CA PRO B 109 5.88 5.65 2.02
C PRO B 109 6.78 6.61 2.83
N TYR B 110 8.02 6.23 3.18
CA TYR B 110 8.89 7.03 4.11
C TYR B 110 10.17 7.54 3.42
N HIS B 111 11.04 6.65 2.93
CA HIS B 111 12.37 6.99 2.36
C HIS B 111 12.19 7.62 0.97
N ASN B 112 11.40 8.70 0.90
CA ASN B 112 11.12 9.46 -0.34
C ASN B 112 11.70 10.88 -0.21
N PHE B 113 11.40 11.78 -1.15
CA PHE B 113 12.07 13.09 -1.28
C PHE B 113 11.74 13.96 -0.08
N TYR B 114 10.57 13.74 0.54
CA TYR B 114 10.06 14.51 1.70
C TYR B 114 10.91 14.20 2.95
N HIS B 115 11.30 12.95 3.15
CA HIS B 115 12.24 12.55 4.22
C HIS B 115 13.54 13.34 4.10
N VAL B 116 14.10 13.48 2.90
CA VAL B 116 15.45 14.08 2.82
C VAL B 116 15.32 15.59 2.95
N VAL B 117 14.22 16.19 2.51
CA VAL B 117 13.97 17.66 2.69
C VAL B 117 13.74 17.92 4.19
N ASP B 118 13.01 17.04 4.86
CA ASP B 118 12.86 17.08 6.33
C ASP B 118 14.24 17.10 7.00
N VAL B 119 15.08 16.10 6.68
CA VAL B 119 16.42 15.94 7.31
C VAL B 119 17.25 17.19 7.00
N CYS B 120 17.15 17.74 5.80
CA CYS B 120 17.88 18.99 5.46
C CYS B 120 17.37 20.12 6.38
N GLN B 121 16.05 20.27 6.51
CA GLN B 121 15.40 21.36 7.30
C GLN B 121 15.76 21.18 8.78
N THR B 122 15.62 19.95 9.28
CA THR B 122 15.97 19.59 10.67
C THR B 122 17.43 19.97 10.94
N ILE B 123 18.34 19.58 10.05
CA ILE B 123 19.78 19.85 10.23
C ILE B 123 20.00 21.36 10.27
N HIS B 124 19.27 22.13 9.49
CA HIS B 124 19.31 23.62 9.53
C HIS B 124 19.00 24.08 10.97
N THR B 125 17.95 23.55 11.60
CA THR B 125 17.56 23.96 12.98
C THR B 125 18.67 23.57 13.97
N PHE B 126 19.22 22.36 13.89
CA PHE B 126 20.33 21.92 14.78
C PHE B 126 21.52 22.88 14.64
N LEU B 127 21.90 23.21 13.41
CA LEU B 127 23.05 24.11 13.18
C LEU B 127 22.72 25.50 13.73
N TYR B 128 21.62 26.12 13.32
CA TYR B 128 21.42 27.58 13.46
C TYR B 128 20.59 27.94 14.72
N ARG B 129 19.66 27.09 15.15
CA ARG B 129 18.88 27.27 16.41
C ARG B 129 19.55 26.52 17.55
N GLY B 130 20.28 25.45 17.26
CA GLY B 130 20.99 24.65 18.29
C GLY B 130 22.40 25.16 18.47
N ASN B 131 22.82 26.09 17.61
CA ASN B 131 24.17 26.70 17.54
C ASN B 131 25.26 25.63 17.36
N VAL B 132 24.95 24.51 16.71
CA VAL B 132 25.99 23.50 16.37
C VAL B 132 26.90 24.06 15.29
N TYR B 133 26.47 25.09 14.55
CA TYR B 133 27.34 25.78 13.56
C TYR B 133 28.65 26.25 14.21
N GLU B 134 28.64 26.56 15.52
CA GLU B 134 29.81 27.12 16.23
C GLU B 134 30.93 26.07 16.21
N LYS B 135 30.56 24.79 16.16
CA LYS B 135 31.48 23.61 16.22
C LYS B 135 32.10 23.27 14.84
N LEU B 136 31.67 23.91 13.74
CA LEU B 136 32.00 23.50 12.35
C LEU B 136 32.44 24.70 11.51
N THR B 137 33.20 24.46 10.46
CA THR B 137 33.48 25.51 9.44
C THR B 137 32.22 25.79 8.62
N GLU B 138 32.26 26.88 7.87
CA GLU B 138 31.16 27.17 6.92
C GLU B 138 31.06 26.04 5.87
N LEU B 139 32.19 25.54 5.36
CA LEU B 139 32.18 24.44 4.34
C LEU B 139 31.48 23.22 4.94
N GLU B 140 31.82 22.84 6.17
CA GLU B 140 31.20 21.67 6.85
C GLU B 140 29.69 21.86 6.95
N CYS B 141 29.21 23.05 7.34
CA CYS B 141 27.74 23.35 7.39
C CYS B 141 27.11 23.16 5.98
N PHE B 142 27.73 23.72 4.94
CA PHE B 142 27.29 23.63 3.52
C PHE B 142 27.21 22.15 3.12
N VAL B 143 28.25 21.37 3.42
CA VAL B 143 28.31 19.95 3.01
C VAL B 143 27.20 19.20 3.76
N LEU B 144 26.90 19.54 5.02
CA LEU B 144 25.84 18.83 5.77
C LEU B 144 24.48 19.06 5.09
N LEU B 145 24.18 20.30 4.70
CA LEU B 145 22.86 20.66 4.14
C LEU B 145 22.70 19.93 2.78
N ILE B 146 23.77 19.90 1.96
CA ILE B 146 23.81 19.17 0.66
C ILE B 146 23.66 17.69 0.92
N THR B 147 24.43 17.14 1.87
CA THR B 147 24.46 15.68 2.13
C THR B 147 23.07 15.18 2.55
N ALA B 148 22.30 16.00 3.26
CA ALA B 148 20.93 15.64 3.68
C ALA B 148 20.13 15.16 2.46
N LEU B 149 20.31 15.84 1.33
CA LEU B 149 19.47 15.65 0.12
C LEU B 149 19.95 14.44 -0.68
N VAL B 150 21.19 13.96 -0.50
CA VAL B 150 21.71 12.77 -1.25
C VAL B 150 21.66 11.50 -0.39
N HIS B 151 21.32 11.58 0.90
CA HIS B 151 21.72 10.54 1.92
C HIS B 151 20.89 9.26 1.76
N ASP B 152 19.74 9.30 1.06
CA ASP B 152 18.91 8.07 0.85
C ASP B 152 18.58 7.89 -0.66
N LEU B 153 19.32 8.47 -1.58
CA LEU B 153 18.97 8.39 -3.03
C LEU B 153 18.59 6.95 -3.44
N ASP B 154 17.44 6.82 -4.10
CA ASP B 154 17.01 5.58 -4.80
C ASP B 154 16.76 4.45 -3.80
N HIS B 155 16.37 4.78 -2.55
CA HIS B 155 15.79 3.82 -1.57
C HIS B 155 14.51 3.21 -2.16
N MET B 156 14.29 1.92 -1.94
CA MET B 156 13.17 1.14 -2.49
C MET B 156 12.21 0.74 -1.35
N GLY B 157 12.47 1.25 -0.13
CA GLY B 157 11.68 0.91 1.07
C GLY B 157 12.05 -0.42 1.69
N LEU B 158 13.24 -0.94 1.39
CA LEU B 158 13.76 -2.22 1.95
C LEU B 158 15.11 -1.96 2.62
N ASN B 159 15.35 -2.54 3.79
CA ASN B 159 16.60 -2.27 4.57
C ASN B 159 17.72 -3.21 4.09
N ASN B 160 18.93 -2.98 4.58
CA ASN B 160 20.17 -3.72 4.19
C ASN B 160 19.90 -5.22 4.39
N SER B 161 19.29 -5.56 5.52
CA SER B 161 18.99 -6.94 5.93
C SER B 161 18.18 -7.70 4.86
N PHE B 162 17.21 -7.06 4.20
CA PHE B 162 16.39 -7.65 3.13
C PHE B 162 17.31 -8.14 2.00
N TYR B 163 18.20 -7.27 1.52
CA TYR B 163 19.10 -7.57 0.38
C TYR B 163 20.05 -8.73 0.72
N LEU B 164 20.51 -8.79 1.96
CA LEU B 164 21.49 -9.82 2.37
C LEU B 164 20.80 -11.15 2.64
N LYS B 165 19.63 -11.14 3.26
CA LYS B 165 18.99 -12.44 3.59
C LYS B 165 18.23 -13.04 2.40
N THR B 166 17.84 -12.25 1.41
CA THR B 166 17.14 -12.79 0.22
C THR B 166 18.17 -13.04 -0.89
N GLU B 167 19.43 -12.77 -0.61
CA GLU B 167 20.51 -12.94 -1.59
C GLU B 167 20.20 -12.16 -2.88
N SER B 168 19.69 -10.96 -2.75
CA SER B 168 19.42 -10.07 -3.90
C SER B 168 20.76 -9.69 -4.54
N PRO B 169 20.86 -9.47 -5.86
CA PRO B 169 22.13 -9.04 -6.49
C PRO B 169 22.94 -7.94 -5.80
N LEU B 170 22.29 -6.88 -5.30
CA LEU B 170 23.02 -5.80 -4.59
C LEU B 170 23.62 -6.37 -3.30
N GLY B 171 22.88 -7.23 -2.62
CA GLY B 171 23.36 -7.91 -1.40
C GLY B 171 24.58 -8.75 -1.72
N ILE B 172 24.50 -9.47 -2.84
CA ILE B 172 25.60 -10.38 -3.28
C ILE B 172 26.84 -9.54 -3.55
N LEU B 173 26.70 -8.45 -4.30
CA LEU B 173 27.84 -7.54 -4.59
C LEU B 173 28.48 -7.02 -3.29
N SER B 174 27.67 -6.69 -2.28
CA SER B 174 28.15 -6.14 -0.99
C SER B 174 28.95 -7.20 -0.24
N SER B 175 28.46 -8.44 -0.20
CA SER B 175 29.11 -9.60 0.46
C SER B 175 30.46 -9.85 -0.22
N ALA B 176 30.45 -10.01 -1.55
CA ALA B 176 31.66 -10.15 -2.39
C ALA B 176 32.70 -9.10 -1.99
N SER B 177 32.32 -7.82 -1.94
CA SER B 177 33.29 -6.68 -1.84
C SER B 177 33.59 -6.30 -0.38
N GLY B 178 33.02 -7.01 0.62
CA GLY B 178 33.33 -6.82 2.06
C GLY B 178 32.38 -5.87 2.82
N ASN B 179 31.74 -4.89 2.16
CA ASN B 179 30.95 -3.82 2.82
C ASN B 179 29.47 -4.22 2.94
N THR B 180 28.94 -4.40 4.16
CA THR B 180 27.53 -4.78 4.46
C THR B 180 26.56 -3.59 4.39
N SER B 181 27.05 -2.37 4.16
CA SER B 181 26.21 -1.15 4.08
C SER B 181 25.64 -1.01 2.68
N VAL B 182 24.81 -1.98 2.27
CA VAL B 182 24.33 -2.13 0.88
C VAL B 182 23.75 -0.78 0.41
N LEU B 183 22.77 -0.26 1.15
CA LEU B 183 22.04 0.97 0.71
C LEU B 183 22.98 2.18 0.71
N GLU B 184 23.82 2.32 1.75
CA GLU B 184 24.56 3.58 2.00
C GLU B 184 25.63 3.72 0.92
N VAL B 185 26.20 2.61 0.45
CA VAL B 185 27.20 2.64 -0.65
C VAL B 185 26.47 3.03 -1.94
N HIS B 186 25.31 2.44 -2.19
CA HIS B 186 24.48 2.78 -3.37
C HIS B 186 24.14 4.28 -3.34
N HIS B 187 23.71 4.81 -2.19
CA HIS B 187 23.33 6.25 -2.10
C HIS B 187 24.52 7.08 -2.55
N CYS B 188 25.73 6.74 -2.07
CA CYS B 188 26.99 7.47 -2.32
C CYS B 188 27.34 7.39 -3.81
N ASN B 189 27.26 6.19 -4.39
CA ASN B 189 27.48 5.98 -5.85
C ASN B 189 26.59 7.00 -6.58
N LEU B 190 25.31 7.09 -6.23
CA LEU B 190 24.39 7.99 -7.01
C LEU B 190 24.70 9.46 -6.74
N ALA B 191 25.21 9.83 -5.56
CA ALA B 191 25.58 11.24 -5.26
C ALA B 191 26.77 11.61 -6.14
N VAL B 192 27.80 10.77 -6.14
CA VAL B 192 28.99 10.94 -7.01
C VAL B 192 28.50 11.13 -8.47
N GLU B 193 27.51 10.37 -8.93
CA GLU B 193 26.95 10.54 -10.30
C GLU B 193 26.37 11.93 -10.51
N ILE B 194 25.40 12.35 -9.69
CA ILE B 194 24.73 13.69 -9.85
C ILE B 194 25.82 14.78 -9.91
N LEU B 195 26.86 14.65 -9.09
CA LEU B 195 27.88 15.71 -8.87
C LEU B 195 28.95 15.70 -9.98
N SER B 196 29.00 14.63 -10.78
CA SER B 196 29.95 14.51 -11.92
C SER B 196 29.49 15.42 -13.08
N ASP B 197 28.19 15.75 -13.16
CA ASP B 197 27.66 16.74 -14.12
C ASP B 197 27.90 18.14 -13.57
N PRO B 198 28.74 18.94 -14.24
CA PRO B 198 29.04 20.31 -13.84
C PRO B 198 27.81 21.22 -13.70
N GLU B 199 26.69 20.84 -14.30
CA GLU B 199 25.45 21.65 -14.23
C GLU B 199 24.83 21.51 -12.85
N SER B 200 25.07 20.37 -12.19
CA SER B 200 24.52 20.13 -10.83
C SER B 200 25.64 19.86 -9.82
N ASP B 201 26.87 20.26 -10.12
CA ASP B 201 27.99 20.08 -9.17
C ASP B 201 28.07 21.29 -8.23
N VAL B 202 27.46 21.16 -7.06
CA VAL B 202 27.44 22.24 -6.02
C VAL B 202 28.84 22.42 -5.41
N PHE B 203 29.80 21.51 -5.67
CA PHE B 203 31.18 21.58 -5.13
C PHE B 203 32.17 21.99 -6.22
N ASP B 204 31.69 22.44 -7.39
CA ASP B 204 32.56 22.77 -8.55
C ASP B 204 33.37 24.03 -8.26
N GLY B 205 32.83 24.96 -7.47
CA GLY B 205 33.52 26.19 -7.06
C GLY B 205 34.67 25.94 -6.09
N LEU B 206 34.90 24.69 -5.65
CA LEU B 206 35.92 24.36 -4.61
C LEU B 206 37.19 23.85 -5.31
N GLU B 207 38.34 23.82 -4.61
CA GLU B 207 39.62 23.29 -5.14
C GLU B 207 40.46 22.68 -4.02
N GLY B 208 41.44 21.85 -4.40
CA GLY B 208 42.44 21.30 -3.46
C GLY B 208 41.79 20.59 -2.30
N ALA B 209 42.30 20.80 -1.09
CA ALA B 209 41.86 20.08 0.12
C ALA B 209 40.37 20.38 0.37
N GLU B 210 39.87 21.56 0.01
CA GLU B 210 38.42 21.90 0.21
C GLU B 210 37.54 20.97 -0.63
N ARG B 211 37.82 20.80 -1.93
CA ARG B 211 37.06 19.85 -2.79
C ARG B 211 37.15 18.44 -2.19
N THR B 212 38.34 18.00 -1.79
CA THR B 212 38.53 16.66 -1.21
C THR B 212 37.68 16.51 0.05
N LEU B 213 37.82 17.42 1.00
CA LEU B 213 37.03 17.38 2.27
C LEU B 213 35.54 17.31 1.94
N ALA B 214 35.04 18.06 0.98
CA ALA B 214 33.59 18.10 0.67
C ALA B 214 33.11 16.68 0.34
N PHE B 215 33.77 16.05 -0.64
CA PHE B 215 33.44 14.69 -1.12
C PHE B 215 33.68 13.70 0.03
N ARG B 216 34.83 13.78 0.68
CA ARG B 216 35.15 12.79 1.75
C ARG B 216 34.19 12.92 2.95
N SER B 217 33.84 14.14 3.35
CA SER B 217 32.96 14.32 4.53
C SER B 217 31.55 13.87 4.15
N MET B 218 31.08 14.22 2.94
CA MET B 218 29.75 13.80 2.43
C MET B 218 29.61 12.27 2.52
N ILE B 219 30.59 11.56 1.92
CA ILE B 219 30.61 10.08 1.84
C ILE B 219 30.73 9.53 3.25
N ASP B 220 31.63 10.08 4.08
CA ASP B 220 31.75 9.63 5.50
C ASP B 220 30.38 9.73 6.18
N CYS B 221 29.68 10.86 6.06
CA CYS B 221 28.36 11.07 6.71
C CYS B 221 27.31 10.04 6.20
N VAL B 222 27.17 9.85 4.90
CA VAL B 222 26.17 8.89 4.33
C VAL B 222 26.46 7.49 4.88
N LEU B 223 27.72 7.05 4.84
CA LEU B 223 28.10 5.72 5.36
C LEU B 223 27.74 5.58 6.84
N ALA B 224 27.81 6.65 7.63
CA ALA B 224 27.53 6.63 9.08
C ALA B 224 26.04 6.51 9.40
N THR B 225 25.14 6.65 8.43
CA THR B 225 23.66 6.57 8.63
C THR B 225 23.17 5.11 8.68
N ASP B 226 24.00 4.14 8.30
CA ASP B 226 23.73 2.70 8.54
C ASP B 226 23.57 2.49 10.05
N MET B 227 22.37 2.08 10.49
CA MET B 227 22.02 2.00 11.94
C MET B 227 22.76 0.83 12.58
N ALA B 228 23.34 -0.05 11.77
CA ALA B 228 24.26 -1.12 12.25
C ALA B 228 25.50 -0.48 12.89
N LYS B 229 25.93 0.70 12.45
CA LYS B 229 27.12 1.42 12.99
C LYS B 229 26.71 2.45 14.06
N HIS B 230 25.47 2.39 14.56
CA HIS B 230 24.91 3.41 15.50
C HIS B 230 25.74 3.44 16.79
N GLY B 231 25.88 2.31 17.45
CA GLY B 231 26.66 2.27 18.70
C GLY B 231 28.05 2.84 18.52
N SER B 232 28.79 2.38 17.52
CA SER B 232 30.18 2.83 17.31
C SER B 232 30.24 4.31 16.94
N ALA B 233 29.29 4.80 16.15
CA ALA B 233 29.29 6.22 15.80
C ALA B 233 29.16 7.04 17.09
N LEU B 234 28.20 6.67 17.93
CA LEU B 234 27.94 7.41 19.19
C LEU B 234 29.19 7.37 20.09
N GLU B 235 29.81 6.20 20.21
CA GLU B 235 31.01 6.02 21.06
C GLU B 235 32.12 6.91 20.54
N ALA B 236 32.46 6.79 19.26
CA ALA B 236 33.51 7.62 18.64
C ALA B 236 33.23 9.10 18.92
N PHE B 237 32.02 9.58 18.64
CA PHE B 237 31.71 11.01 18.87
C PHE B 237 31.91 11.40 20.34
N LEU B 238 31.36 10.62 21.27
CA LEU B 238 31.47 10.98 22.71
C LEU B 238 32.94 11.04 23.12
N ALA B 239 33.75 10.10 22.65
CA ALA B 239 35.18 10.10 22.99
C ALA B 239 35.85 11.34 22.39
N SER B 240 35.68 11.56 21.09
CA SER B 240 36.29 12.71 20.37
C SER B 240 35.86 14.04 21.01
N ALA B 241 34.83 14.04 21.85
CA ALA B 241 34.16 15.23 22.43
C ALA B 241 34.66 15.50 23.86
N ALA B 242 34.93 14.43 24.59
CA ALA B 242 35.62 14.46 25.91
C ALA B 242 37.10 14.77 25.69
N ASP B 243 37.57 14.77 24.44
CA ASP B 243 39.01 14.91 24.07
C ASP B 243 39.11 15.42 22.62
N GLN B 244 38.45 16.54 22.32
CA GLN B 244 38.61 17.37 21.09
C GLN B 244 39.80 18.32 21.30
N SER B 245 40.21 18.48 22.56
CA SER B 245 41.56 18.96 22.99
C SER B 245 42.60 18.22 22.18
N SER B 246 42.59 16.88 22.29
CA SER B 246 43.43 15.95 21.48
C SER B 246 43.39 16.34 20.00
N ASP B 247 42.24 16.20 19.31
CA ASP B 247 42.19 15.98 17.84
C ASP B 247 41.01 16.69 17.15
N GLU B 248 41.23 17.91 16.64
CA GLU B 248 40.14 18.81 16.17
C GLU B 248 39.55 18.28 14.86
N ALA B 249 40.35 17.77 13.95
CA ALA B 249 39.89 17.28 12.62
C ALA B 249 38.95 16.08 12.83
N ALA B 250 39.34 15.16 13.71
CA ALA B 250 38.49 14.01 14.10
C ALA B 250 37.16 14.53 14.65
N PHE B 251 37.21 15.52 15.56
CA PHE B 251 36.01 15.97 16.28
C PHE B 251 35.04 16.59 15.28
N HIS B 252 35.57 17.37 14.33
CA HIS B 252 34.79 18.03 13.27
C HIS B 252 34.04 16.97 12.44
N ARG B 253 34.72 15.90 12.08
CA ARG B 253 34.21 14.87 11.16
C ARG B 253 33.14 14.06 11.92
N MET B 254 33.42 13.74 13.20
CA MET B 254 32.48 13.00 14.09
C MET B 254 31.22 13.83 14.39
N THR B 255 31.33 15.16 14.45
CA THR B 255 30.18 16.06 14.71
C THR B 255 29.32 16.09 13.44
N MET B 256 29.91 16.10 12.23
CA MET B 256 29.11 16.03 10.98
C MET B 256 28.32 14.71 10.94
N GLU B 257 28.97 13.60 11.21
CA GLU B 257 28.34 12.26 11.15
C GLU B 257 27.19 12.20 12.16
N ILE B 258 27.37 12.76 13.35
CA ILE B 258 26.39 12.62 14.46
C ILE B 258 25.17 13.52 14.14
N ILE B 259 25.39 14.64 13.46
CA ILE B 259 24.30 15.61 13.13
C ILE B 259 23.45 15.04 11.98
N LEU B 260 24.09 14.43 10.97
CA LEU B 260 23.33 13.76 9.89
C LEU B 260 22.56 12.62 10.57
N LYS B 261 23.20 11.81 11.41
CA LYS B 261 22.46 10.75 12.16
C LYS B 261 21.31 11.38 12.95
N ALA B 262 21.55 12.48 13.67
CA ALA B 262 20.53 13.18 14.48
C ALA B 262 19.32 13.57 13.61
N GLY B 263 19.55 14.14 12.42
CA GLY B 263 18.48 14.50 11.49
C GLY B 263 17.66 13.28 11.10
N ASP B 264 18.35 12.17 10.86
CA ASP B 264 17.76 10.93 10.31
C ASP B 264 16.79 10.32 11.33
N ILE B 265 17.06 10.49 12.63
CA ILE B 265 16.17 9.95 13.69
C ILE B 265 15.50 11.09 14.45
N SER B 266 15.27 12.23 13.80
CA SER B 266 14.75 13.49 14.41
C SER B 266 13.21 13.51 14.45
N ASN B 267 12.54 12.48 13.95
CA ASN B 267 11.05 12.48 13.80
C ASN B 267 10.40 12.60 15.19
N VAL B 268 10.95 11.93 16.19
CA VAL B 268 10.38 11.91 17.57
C VAL B 268 10.71 13.22 18.32
N THR B 269 11.41 14.19 17.71
CA THR B 269 11.78 15.48 18.36
C THR B 269 10.83 16.58 17.87
N LYS B 270 9.78 16.20 17.16
CA LYS B 270 8.91 17.18 16.47
C LYS B 270 7.63 17.38 17.29
N PRO B 271 6.90 18.49 17.05
CA PRO B 271 5.56 18.67 17.60
C PRO B 271 4.70 17.42 17.30
N PHE B 272 3.95 16.94 18.29
CA PHE B 272 3.38 15.57 18.30
C PHE B 272 2.60 15.27 17.01
N ASP B 273 1.85 16.24 16.48
CA ASP B 273 1.04 15.99 15.26
C ASP B 273 1.97 15.63 14.08
N ILE B 274 3.11 16.31 13.97
CA ILE B 274 4.11 16.03 12.90
C ILE B 274 4.72 14.64 13.16
N SER B 275 5.17 14.39 14.39
CA SER B 275 5.82 13.13 14.82
C SER B 275 4.92 11.91 14.49
N ARG B 276 3.63 11.98 14.79
CA ARG B 276 2.64 10.86 14.59
C ARG B 276 2.53 10.54 13.10
N GLN B 277 2.57 11.56 12.25
CA GLN B 277 2.45 11.40 10.77
C GLN B 277 3.68 10.65 10.23
N TRP B 278 4.90 11.09 10.58
CA TRP B 278 6.18 10.36 10.28
C TRP B 278 6.08 8.90 10.73
N ALA B 279 5.60 8.66 11.94
CA ALA B 279 5.48 7.31 12.52
C ALA B 279 4.53 6.45 11.65
N MET B 280 3.48 7.06 11.09
CA MET B 280 2.50 6.34 10.24
C MET B 280 3.20 5.92 8.96
N ALA B 281 3.95 6.85 8.33
CA ALA B 281 4.65 6.61 7.04
C ALA B 281 5.74 5.53 7.20
N VAL B 282 6.59 5.58 8.24
CA VAL B 282 7.72 4.63 8.41
C VAL B 282 7.17 3.24 8.74
N THR B 283 6.09 3.12 9.52
CA THR B 283 5.51 1.81 9.92
C THR B 283 4.87 1.14 8.70
N GLU B 284 4.27 1.94 7.81
CA GLU B 284 3.66 1.42 6.57
C GLU B 284 4.79 0.87 5.68
N GLU B 285 5.95 1.53 5.64
CA GLU B 285 7.08 1.10 4.80
C GLU B 285 7.65 -0.22 5.33
N PHE B 286 7.87 -0.32 6.64
CA PHE B 286 8.32 -1.59 7.26
C PHE B 286 7.32 -2.71 6.92
N TYR B 287 6.02 -2.43 7.04
CA TYR B 287 4.97 -3.47 6.88
C TYR B 287 4.98 -3.98 5.43
N ARG B 288 5.31 -3.14 4.45
CA ARG B 288 5.48 -3.53 3.02
C ARG B 288 6.76 -4.36 2.83
N GLN B 289 7.84 -4.06 3.57
CA GLN B 289 9.04 -4.94 3.57
C GLN B 289 8.60 -6.32 4.07
N GLY B 290 7.81 -6.36 5.15
CA GLY B 290 7.24 -7.60 5.72
C GLY B 290 6.43 -8.40 4.70
N ASP B 291 5.58 -7.73 3.91
CA ASP B 291 4.73 -8.36 2.85
C ASP B 291 5.61 -9.01 1.78
N MET B 292 6.61 -8.29 1.28
CA MET B 292 7.62 -8.80 0.31
C MET B 292 8.50 -9.92 0.89
N GLU B 293 8.83 -9.89 2.18
CA GLU B 293 9.55 -11.03 2.81
C GLU B 293 8.67 -12.29 2.73
N LYS B 294 7.41 -12.18 3.13
CA LYS B 294 6.45 -13.32 3.03
C LYS B 294 6.48 -13.86 1.58
N GLU B 295 6.41 -12.95 0.60
CA GLU B 295 6.51 -13.28 -0.86
C GLU B 295 7.76 -14.12 -1.15
N ARG B 296 8.91 -13.75 -0.58
CA ARG B 296 10.19 -14.47 -0.80
C ARG B 296 10.25 -15.73 0.08
N GLY B 297 9.25 -16.00 0.92
CA GLY B 297 9.27 -17.07 1.95
C GLY B 297 10.41 -16.94 2.97
N VAL B 298 11.04 -15.77 3.17
CA VAL B 298 12.08 -15.57 4.23
C VAL B 298 11.39 -15.17 5.54
N GLU B 299 12.17 -15.08 6.61
CA GLU B 299 11.73 -14.76 8.00
C GLU B 299 11.25 -13.30 8.05
N VAL B 300 10.16 -13.05 8.78
CA VAL B 300 9.63 -11.68 9.01
C VAL B 300 9.76 -11.37 10.51
N LEU B 301 10.60 -10.38 10.86
CA LEU B 301 10.73 -9.91 12.25
C LEU B 301 9.40 -9.27 12.64
N PRO B 302 8.99 -9.37 13.93
CA PRO B 302 7.74 -8.75 14.42
C PRO B 302 7.49 -7.30 14.00
N MET B 303 8.51 -6.46 14.10
CA MET B 303 8.48 -5.00 13.79
C MET B 303 8.02 -4.79 12.34
N PHE B 304 8.25 -5.76 11.44
CA PHE B 304 7.93 -5.68 9.98
C PHE B 304 6.61 -6.39 9.65
N ASP B 305 5.93 -6.98 10.64
CA ASP B 305 4.86 -7.98 10.42
C ASP B 305 3.46 -7.40 10.76
N ARG B 306 2.66 -7.03 9.76
CA ARG B 306 1.27 -6.50 9.93
C ARG B 306 0.43 -7.34 10.88
N SER B 307 0.66 -8.65 10.91
CA SER B 307 -0.20 -9.65 11.59
C SER B 307 -0.12 -9.52 13.12
N LYS B 308 0.75 -8.65 13.66
CA LYS B 308 0.89 -8.42 15.13
C LYS B 308 -0.16 -7.42 15.62
N ASN B 309 -0.75 -6.66 14.69
CA ASN B 309 -1.71 -5.55 14.96
C ASN B 309 -1.08 -4.66 16.05
N MET B 310 0.26 -4.57 16.08
CA MET B 310 1.00 -3.70 17.02
C MET B 310 0.48 -2.26 16.86
N GLU B 311 0.10 -1.63 17.97
CA GLU B 311 -0.28 -0.20 18.04
C GLU B 311 0.91 0.68 17.65
N LEU B 312 0.66 1.71 16.85
CA LEU B 312 1.63 2.79 16.54
C LEU B 312 2.34 3.27 17.83
N ALA B 313 1.60 3.43 18.92
CA ALA B 313 2.08 4.03 20.19
C ALA B 313 3.10 3.11 20.86
N LYS B 314 2.90 1.80 20.83
CA LYS B 314 3.86 0.82 21.42
C LYS B 314 5.20 0.92 20.68
N GLY B 315 5.13 1.02 19.34
CA GLY B 315 6.32 1.11 18.47
C GLY B 315 7.12 2.36 18.78
N GLN B 316 6.45 3.53 18.82
CA GLN B 316 7.12 4.84 19.01
C GLN B 316 7.74 4.94 20.42
N ILE B 317 7.07 4.40 21.44
CA ILE B 317 7.59 4.32 22.83
C ILE B 317 8.85 3.43 22.85
N GLY B 318 8.83 2.27 22.19
CA GLY B 318 10.03 1.39 22.09
C GLY B 318 11.19 2.10 21.40
N PHE B 319 10.92 2.78 20.28
CA PHE B 319 11.97 3.46 19.49
C PHE B 319 12.57 4.58 20.34
N ILE B 320 11.72 5.31 21.05
CA ILE B 320 12.15 6.41 21.96
C ILE B 320 13.05 5.84 23.06
N ASP B 321 12.65 4.74 23.70
CA ASP B 321 13.29 4.24 24.94
C ASP B 321 14.64 3.58 24.62
N PHE B 322 14.69 2.80 23.56
CA PHE B 322 15.87 1.99 23.18
C PHE B 322 16.80 2.74 22.22
N VAL B 323 16.35 3.73 21.44
CA VAL B 323 17.20 4.34 20.38
C VAL B 323 17.27 5.85 20.57
N ALA B 324 16.17 6.59 20.40
CA ALA B 324 16.21 8.06 20.21
C ALA B 324 16.50 8.80 21.53
N ALA B 325 15.87 8.46 22.66
CA ALA B 325 16.03 9.24 23.92
C ALA B 325 17.48 9.13 24.39
N PRO B 326 18.07 7.92 24.46
CA PRO B 326 19.47 7.80 24.88
C PRO B 326 20.44 8.60 23.97
N PHE B 327 20.19 8.56 22.67
CA PHE B 327 21.08 9.20 21.66
C PHE B 327 21.10 10.70 21.89
N PHE B 328 19.91 11.31 21.91
CA PHE B 328 19.73 12.77 21.99
C PHE B 328 20.22 13.25 23.36
N GLN B 329 19.93 12.51 24.43
CA GLN B 329 20.38 12.84 25.80
C GLN B 329 21.91 12.87 25.81
N LYS B 330 22.55 11.85 25.27
CA LYS B 330 24.03 11.72 25.35
C LYS B 330 24.69 12.81 24.49
N ILE B 331 24.20 13.11 23.29
CA ILE B 331 24.90 14.11 22.44
C ILE B 331 24.66 15.51 23.02
N VAL B 332 23.55 15.75 23.67
CA VAL B 332 23.27 17.08 24.28
C VAL B 332 24.16 17.29 25.50
N ASP B 333 24.29 16.29 26.37
CA ASP B 333 25.02 16.40 27.65
C ASP B 333 26.53 16.42 27.35
N ALA B 334 26.95 15.74 26.29
CA ALA B 334 28.38 15.58 25.94
C ALA B 334 28.91 16.89 25.34
N CYS B 335 28.07 17.68 24.69
CA CYS B 335 28.57 18.74 23.78
C CYS B 335 27.49 19.72 23.31
N LEU B 336 26.36 19.22 22.82
CA LEU B 336 25.42 20.00 21.97
C LEU B 336 24.29 20.56 22.85
N GLN B 337 24.65 21.42 23.82
CA GLN B 337 23.74 21.88 24.91
C GLN B 337 22.58 22.65 24.27
N GLY B 338 22.86 23.34 23.16
CA GLY B 338 21.90 24.16 22.42
C GLY B 338 20.78 23.33 21.82
N MET B 339 20.92 22.00 21.75
CA MET B 339 19.87 21.10 21.20
C MET B 339 19.05 20.43 22.34
N GLN B 340 19.04 21.04 23.53
CA GLN B 340 18.31 20.48 24.70
C GLN B 340 16.83 20.27 24.38
N TRP B 341 16.25 21.11 23.53
CA TRP B 341 14.82 21.01 23.11
C TRP B 341 14.44 19.63 22.54
N THR B 342 15.36 18.93 21.87
CA THR B 342 15.09 17.59 21.30
C THR B 342 14.76 16.64 22.44
N VAL B 343 15.53 16.70 23.54
CA VAL B 343 15.33 15.83 24.73
C VAL B 343 13.98 16.19 25.38
N ASP B 344 13.67 17.47 25.46
CA ASP B 344 12.39 17.92 26.04
C ASP B 344 11.23 17.35 25.22
N ARG B 345 11.27 17.56 23.91
CA ARG B 345 10.20 17.11 22.98
C ARG B 345 10.05 15.59 22.94
N ILE B 346 11.13 14.84 23.02
CA ILE B 346 10.98 13.37 22.99
C ILE B 346 10.14 12.96 24.21
N LYS B 347 10.49 13.49 25.38
CA LYS B 347 9.81 13.21 26.67
C LYS B 347 8.34 13.65 26.59
N SER B 348 8.06 14.80 26.00
CA SER B 348 6.67 15.30 25.84
C SER B 348 5.87 14.34 24.95
N ASN B 349 6.41 14.03 23.77
CA ASN B 349 5.78 13.12 22.79
C ASN B 349 5.60 11.73 23.39
N ARG B 350 6.57 11.25 24.14
CA ARG B 350 6.47 9.90 24.75
C ARG B 350 5.23 9.88 25.65
N ALA B 351 5.06 10.91 26.46
CA ALA B 351 3.93 11.04 27.42
C ALA B 351 2.61 11.08 26.63
N GLN B 352 2.58 11.74 25.47
CA GLN B 352 1.39 11.78 24.60
C GLN B 352 1.09 10.36 24.07
N TRP B 353 2.10 9.55 23.73
CA TRP B 353 1.88 8.16 23.20
C TRP B 353 1.26 7.31 24.32
N GLU B 354 1.73 7.46 25.56
CA GLU B 354 1.18 6.72 26.73
C GLU B 354 -0.29 7.09 26.93
N ARG B 355 -0.66 8.35 26.69
CA ARG B 355 -2.04 8.88 26.86
C ARG B 355 -2.92 8.33 25.73
N VAL B 356 -2.34 8.14 24.54
CA VAL B 356 -3.07 7.55 23.38
C VAL B 356 -3.33 6.07 23.67
N LEU B 357 -2.43 5.37 24.38
CA LEU B 357 -2.59 3.93 24.73
C LEU B 357 -3.81 3.71 25.63
N GLU B 358 -3.94 4.49 26.71
CA GLU B 358 -4.84 4.20 27.85
C GLU B 358 -6.31 4.46 27.49
N THR B 359 -6.59 5.23 26.42
CA THR B 359 -7.96 5.43 25.86
C THR B 359 -8.43 4.14 25.19
#